data_4CPM
#
_entry.id   4CPM
#
_cell.length_a   159.501
_cell.length_b   159.501
_cell.length_c   90.346
_cell.angle_alpha   90.00
_cell.angle_beta   90.00
_cell.angle_gamma   120.00
#
_symmetry.space_group_name_H-M   'P 32 2 1'
#
loop_
_entity.id
_entity.type
_entity.pdbx_description
1 polymer NEURAMINIDASE
2 branched alpha-D-mannopyranose-(1-3)-[alpha-D-mannopyranose-(1-6)]beta-D-mannopyranose-(1-4)-2-acetamido-2-deoxy-beta-D-glucopyranose-(1-4)-2-acetamido-2-deoxy-beta-D-glucopyranose
3 branched beta-D-mannopyranose-(1-4)-2-acetamido-2-deoxy-beta-D-glucopyranose-(1-4)-2-acetamido-2-deoxy-beta-D-glucopyranose
4 non-polymer 'CALCIUM ION'
5 non-polymer 2-acetamido-2-deoxy-beta-D-glucopyranose
6 non-polymer '(3R,4R,5S)-4-(acetylamino)-5-amino-3-(pentan-3-yloxy)cyclohex-1-ene-1-carboxylic acid'
7 non-polymer 1,2-ETHANEDIOL
8 water water
#
_entity_poly.entity_id   1
_entity_poly.type   'polypeptide(L)'
_entity_poly.pdbx_seq_one_letter_code
;MLPSTIQTLTLFLTSGGVLLSLYVSASLSYLLYSDILLKFSPTEITAPTMPLDCANASNVQAVNRSATKGVTLLLPEPEW
TYPRLSCPGSTFQKALLISPHRFGETKGNSAPLIIREPFIACGPNECKHFALTHYAAQPGGYYNGTRGDRNKLRHLISVK
LGKIPTVENSIFHMAAWSGSACHDGKEWTYIGVDGPDNNALLKVKYGEAYTDTYHSYANKILRTQESACNCIGGNCYLMI
TDGSASGVSECRFLKIREGRIIKEIFPTGRVKHTEECTCGFASNKTIECACRDNSYTAKRPFVKLNVETDTAEIRLMCTD
TYLDTPRPNDGSITGPCESNGDKGSGGIKGGFVHQRMESKIGRWYSRTMSKTERMGMGLYVKYDGDPWADSDALAFSGVM
VSMKEPGWYSFGFEIKDKKCDVPCIGIEMVHDGGKETWHSAATAIYCLMGSGQLLWDTVTGVDMAL
;
_entity_poly.pdbx_strand_id   A,B
#
loop_
_chem_comp.id
_chem_comp.type
_chem_comp.name
_chem_comp.formula
BMA D-saccharide, beta linking beta-D-mannopyranose 'C6 H12 O6'
CA non-polymer 'CALCIUM ION' 'Ca 2'
EDO non-polymer 1,2-ETHANEDIOL 'C2 H6 O2'
G39 non-polymer '(3R,4R,5S)-4-(acetylamino)-5-amino-3-(pentan-3-yloxy)cyclohex-1-ene-1-carboxylic acid' 'C14 H24 N2 O4'
MAN D-saccharide, alpha linking alpha-D-mannopyranose 'C6 H12 O6'
NAG D-saccharide, beta linking 2-acetamido-2-deoxy-beta-D-glucopyranose 'C8 H15 N O6'
#
# COMPACT_ATOMS: atom_id res chain seq x y z
N GLU A 77 -25.72 -6.50 -9.72
CA GLU A 77 -24.73 -6.45 -8.65
C GLU A 77 -24.05 -7.82 -8.44
N PRO A 78 -22.80 -7.82 -7.95
CA PRO A 78 -22.13 -9.09 -7.67
C PRO A 78 -22.68 -9.77 -6.42
N GLU A 79 -22.40 -11.05 -6.28
CA GLU A 79 -22.72 -11.78 -5.07
C GLU A 79 -21.42 -12.33 -4.49
N TRP A 80 -21.49 -12.75 -3.23
CA TRP A 80 -20.38 -13.44 -2.61
C TRP A 80 -20.08 -14.74 -3.36
N THR A 81 -18.81 -15.10 -3.42
CA THR A 81 -18.44 -16.37 -4.01
C THR A 81 -18.25 -17.44 -2.95
N TYR A 82 -18.36 -18.68 -3.41
CA TYR A 82 -18.22 -19.85 -2.57
C TYR A 82 -17.31 -20.78 -3.36
N PRO A 83 -16.65 -21.72 -2.67
CA PRO A 83 -15.95 -22.74 -3.46
C PRO A 83 -16.93 -23.57 -4.26
N ARG A 84 -16.56 -23.87 -5.50
CA ARG A 84 -17.36 -24.69 -6.39
C ARG A 84 -16.65 -26.01 -6.64
N LEU A 85 -17.33 -26.95 -7.30
CA LEU A 85 -16.67 -28.17 -7.71
C LEU A 85 -15.54 -27.81 -8.66
N SER A 86 -14.43 -28.53 -8.55
CA SER A 86 -13.32 -28.31 -9.46
C SER A 86 -13.73 -28.76 -10.85
N CYS A 87 -12.99 -28.32 -11.86
CA CYS A 87 -13.24 -28.74 -13.22
C CYS A 87 -12.71 -30.14 -13.44
N PRO A 88 -13.20 -30.82 -14.47
CA PRO A 88 -12.70 -32.19 -14.68
C PRO A 88 -11.23 -32.22 -15.12
N GLY A 89 -10.49 -33.22 -14.65
CA GLY A 89 -9.08 -33.33 -14.92
C GLY A 89 -8.39 -34.27 -13.95
N SER A 90 -7.25 -34.81 -14.35
CA SER A 90 -6.68 -35.98 -13.68
C SER A 90 -5.22 -35.77 -13.35
N THR A 91 -4.59 -34.89 -14.12
CA THR A 91 -3.19 -34.50 -13.89
C THR A 91 -2.97 -32.98 -14.10
N PHE A 92 -1.91 -32.45 -13.49
CA PHE A 92 -1.47 -31.09 -13.79
C PHE A 92 -0.60 -31.03 -15.05
N GLN A 93 -0.45 -29.83 -15.58
CA GLN A 93 0.47 -29.58 -16.69
C GLN A 93 1.03 -28.18 -16.56
N LYS A 94 2.16 -27.97 -17.22
CA LYS A 94 2.84 -26.68 -17.30
C LYS A 94 1.94 -25.65 -17.97
N ALA A 95 1.62 -24.58 -17.25
CA ALA A 95 0.76 -23.56 -17.81
C ALA A 95 1.57 -22.39 -18.34
N LEU A 96 2.31 -21.75 -17.44
CA LEU A 96 2.78 -20.40 -17.66
C LEU A 96 4.03 -20.12 -16.84
N LEU A 97 5.02 -19.51 -17.48
CA LEU A 97 6.21 -19.01 -16.79
C LEU A 97 6.22 -17.48 -16.75
N ILE A 98 6.38 -16.91 -15.56
CA ILE A 98 6.60 -15.48 -15.43
C ILE A 98 8.04 -15.30 -14.96
N SER A 99 8.88 -14.83 -15.87
CA SER A 99 10.31 -14.80 -15.60
C SER A 99 10.84 -13.44 -15.99
N PRO A 100 10.59 -12.44 -15.14
CA PRO A 100 10.86 -11.02 -15.42
C PRO A 100 12.33 -10.76 -15.79
N HIS A 101 13.23 -11.52 -15.18
CA HIS A 101 14.65 -11.26 -15.34
C HIS A 101 15.26 -11.79 -16.61
N ARG A 102 14.41 -12.36 -17.45
CA ARG A 102 14.75 -12.60 -18.84
C ARG A 102 14.97 -11.28 -19.58
N PHE A 103 14.44 -10.19 -19.03
CA PHE A 103 14.60 -8.87 -19.64
C PHE A 103 15.37 -7.96 -18.70
N GLY A 104 16.03 -8.58 -17.72
CA GLY A 104 16.79 -7.84 -16.73
C GLY A 104 18.25 -7.50 -17.04
N GLU A 105 18.66 -7.63 -18.29
CA GLU A 105 20.09 -7.48 -18.59
C GLU A 105 20.54 -6.06 -18.91
N THR A 106 21.77 -5.76 -18.52
CA THR A 106 22.47 -4.55 -18.91
C THR A 106 22.33 -4.22 -20.40
N LYS A 107 22.51 -5.23 -21.24
CA LYS A 107 22.36 -5.10 -22.70
C LYS A 107 20.97 -4.59 -23.11
N GLY A 108 20.03 -4.61 -22.17
CA GLY A 108 18.65 -4.30 -22.48
C GLY A 108 18.07 -2.96 -22.03
N ASN A 109 16.74 -2.89 -22.06
CA ASN A 109 16.02 -1.65 -21.83
C ASN A 109 14.78 -1.81 -20.95
N SER A 110 14.70 -2.88 -20.17
CA SER A 110 13.55 -3.12 -19.30
C SER A 110 13.87 -2.90 -17.83
N ALA A 111 12.84 -3.03 -16.99
CA ALA A 111 12.97 -2.73 -15.58
C ALA A 111 12.10 -3.61 -14.71
N PRO A 112 12.38 -4.92 -14.70
CA PRO A 112 11.60 -5.83 -13.84
C PRO A 112 11.94 -5.60 -12.38
N LEU A 113 10.92 -5.65 -11.53
CA LEU A 113 11.07 -5.41 -10.11
C LEU A 113 11.77 -6.57 -9.43
N ILE A 114 12.64 -6.25 -8.49
CA ILE A 114 13.26 -7.27 -7.66
C ILE A 114 12.24 -7.69 -6.60
N ILE A 115 11.81 -8.94 -6.67
CA ILE A 115 10.76 -9.44 -5.78
C ILE A 115 11.11 -10.80 -5.21
N ARG A 116 10.39 -11.18 -4.17
CA ARG A 116 10.42 -12.55 -3.70
C ARG A 116 9.09 -12.85 -3.02
N GLU A 117 8.90 -14.10 -2.62
CA GLU A 117 7.62 -14.59 -2.05
C GLU A 117 6.42 -14.23 -2.93
N PRO A 118 6.40 -14.69 -4.19
CA PRO A 118 5.21 -14.43 -5.00
C PRO A 118 4.04 -15.33 -4.62
N PHE A 119 2.86 -14.94 -5.05
CA PHE A 119 1.70 -15.80 -4.96
C PHE A 119 0.62 -15.26 -5.89
N ILE A 120 -0.34 -16.11 -6.21
CA ILE A 120 -1.42 -15.73 -7.10
C ILE A 120 -2.77 -15.86 -6.37
N ALA A 121 -3.69 -14.99 -6.72
CA ALA A 121 -5.05 -15.02 -6.19
C ALA A 121 -6.00 -14.56 -7.27
N CYS A 122 -7.00 -15.36 -7.53
CA CYS A 122 -7.84 -15.09 -8.68
C CYS A 122 -9.24 -14.69 -8.17
N GLY A 123 -9.95 -13.87 -8.96
CA GLY A 123 -11.32 -13.48 -8.64
C GLY A 123 -12.23 -13.80 -9.81
N PRO A 124 -13.50 -13.37 -9.75
CA PRO A 124 -14.41 -13.77 -10.82
C PRO A 124 -14.08 -13.28 -12.24
N ASN A 125 -13.20 -12.29 -12.40
CA ASN A 125 -12.86 -11.79 -13.74
C ASN A 125 -11.36 -11.64 -13.94
N GLU A 126 -10.62 -11.58 -12.86
CA GLU A 126 -9.18 -11.38 -12.99
C GLU A 126 -8.41 -12.29 -12.07
N CYS A 127 -7.25 -12.74 -12.53
CA CYS A 127 -6.30 -13.39 -11.64
C CYS A 127 -5.14 -12.39 -11.43
N LYS A 128 -4.73 -12.20 -10.17
CA LYS A 128 -3.63 -11.29 -9.87
C LYS A 128 -2.38 -12.01 -9.34
N HIS A 129 -1.24 -11.54 -9.82
CA HIS A 129 0.07 -12.06 -9.51
C HIS A 129 0.71 -11.10 -8.48
N PHE A 130 0.78 -11.53 -7.23
CA PHE A 130 1.34 -10.71 -6.15
C PHE A 130 2.80 -11.06 -5.86
N ALA A 131 3.53 -10.12 -5.25
CA ALA A 131 4.88 -10.40 -4.79
C ALA A 131 5.30 -9.35 -3.78
N LEU A 132 6.34 -9.65 -3.02
CA LEU A 132 6.92 -8.63 -2.15
C LEU A 132 8.16 -8.04 -2.82
N THR A 133 8.07 -6.81 -3.29
CA THR A 133 9.24 -6.18 -3.90
C THR A 133 10.22 -5.69 -2.84
N HIS A 134 11.44 -5.40 -3.28
CA HIS A 134 12.40 -4.69 -2.45
C HIS A 134 12.50 -3.22 -2.86
N TYR A 135 11.60 -2.82 -3.76
CA TYR A 135 11.52 -1.46 -4.29
C TYR A 135 12.77 -1.09 -5.07
N ALA A 136 13.15 -1.99 -5.97
CA ALA A 136 14.32 -1.86 -6.82
C ALA A 136 14.09 -2.66 -8.10
N ALA A 137 14.77 -2.26 -9.16
CA ALA A 137 14.66 -2.94 -10.45
C ALA A 137 16.00 -3.58 -10.87
N GLN A 138 15.94 -4.43 -11.88
CA GLN A 138 17.15 -4.98 -12.48
C GLN A 138 17.18 -4.73 -13.98
N PRO A 139 18.21 -4.04 -14.47
CA PRO A 139 19.37 -3.50 -13.75
C PRO A 139 19.06 -2.26 -12.89
N GLY A 140 19.94 -2.01 -11.92
CA GLY A 140 19.75 -0.94 -10.96
C GLY A 140 20.89 -0.90 -9.95
N GLY A 141 20.82 0.04 -9.02
CA GLY A 141 21.91 0.28 -8.08
C GLY A 141 21.63 -0.04 -6.64
N TYR A 142 20.44 -0.57 -6.35
CA TYR A 142 20.01 -0.84 -4.98
C TYR A 142 19.90 -2.35 -4.67
N TYR A 143 20.81 -3.14 -5.25
CA TYR A 143 20.88 -4.56 -4.98
C TYR A 143 21.15 -4.84 -3.50
N ASN A 144 22.12 -4.14 -2.90
CA ASN A 144 22.50 -4.38 -1.49
C ASN A 144 21.25 -4.32 -0.60
N GLY A 145 21.00 -5.41 0.11
CA GLY A 145 19.82 -5.54 0.93
C GLY A 145 18.75 -6.45 0.34
N THR A 146 18.81 -6.72 -0.96
CA THR A 146 17.77 -7.49 -1.64
C THR A 146 17.76 -8.97 -1.26
N ARG A 147 18.78 -9.41 -0.51
CA ARG A 147 18.83 -10.79 -0.06
C ARG A 147 18.39 -10.86 1.40
N GLY A 148 17.92 -9.74 1.91
CA GLY A 148 17.32 -9.70 3.23
C GLY A 148 15.82 -9.90 3.13
N ASP A 149 15.17 -9.90 4.28
CA ASP A 149 13.73 -10.11 4.34
C ASP A 149 12.93 -8.85 4.67
N ARG A 150 13.23 -8.22 5.80
CA ARG A 150 12.40 -7.14 6.29
C ARG A 150 13.14 -5.81 6.36
N ASN A 151 12.53 -4.79 5.78
CA ASN A 151 13.07 -3.45 5.80
C ASN A 151 11.90 -2.52 5.49
N LYS A 152 12.14 -1.21 5.63
CA LYS A 152 11.07 -0.23 5.45
C LYS A 152 10.66 -0.03 3.98
N LEU A 153 11.32 -0.70 3.06
CA LEU A 153 11.07 -0.40 1.66
C LEU A 153 10.14 -1.39 1.04
N ARG A 154 9.97 -2.53 1.68
CA ARG A 154 9.20 -3.61 1.08
C ARG A 154 7.71 -3.33 0.98
N HIS A 155 7.17 -3.66 -0.19
CA HIS A 155 5.80 -3.38 -0.54
C HIS A 155 5.16 -4.57 -1.25
N LEU A 156 3.93 -4.88 -0.85
CA LEU A 156 3.10 -5.80 -1.59
C LEU A 156 2.73 -5.17 -2.93
N ILE A 157 2.98 -5.90 -4.02
CA ILE A 157 2.66 -5.42 -5.37
C ILE A 157 1.93 -6.47 -6.22
N SER A 158 1.43 -6.05 -7.38
CA SER A 158 0.74 -6.98 -8.24
C SER A 158 0.68 -6.52 -9.69
N VAL A 159 0.54 -7.50 -10.57
CA VAL A 159 0.19 -7.27 -11.97
C VAL A 159 -0.90 -8.27 -12.29
N LYS A 160 -1.67 -8.01 -13.34
CA LYS A 160 -2.59 -9.01 -13.84
C LYS A 160 -1.71 -10.18 -14.27
N LEU A 161 -2.07 -11.39 -13.87
CA LEU A 161 -1.32 -12.61 -14.23
C LEU A 161 -1.10 -12.70 -15.74
N GLY A 162 0.15 -12.90 -16.15
CA GLY A 162 0.45 -12.92 -17.56
C GLY A 162 1.19 -11.68 -18.03
N LYS A 163 1.21 -10.67 -17.17
CA LYS A 163 1.93 -9.43 -17.44
C LYS A 163 3.25 -9.50 -16.72
N ILE A 164 4.29 -8.93 -17.31
CA ILE A 164 5.59 -8.90 -16.66
C ILE A 164 5.58 -7.84 -15.58
N PRO A 165 5.85 -8.25 -14.32
CA PRO A 165 5.87 -7.31 -13.19
C PRO A 165 7.08 -6.35 -13.22
N THR A 166 6.96 -5.28 -13.98
CA THR A 166 7.98 -4.25 -14.08
C THR A 166 7.55 -2.96 -13.37
N VAL A 167 8.48 -2.02 -13.27
CA VAL A 167 8.24 -0.73 -12.63
C VAL A 167 6.95 -0.09 -13.17
N GLU A 168 6.74 -0.13 -14.47
CA GLU A 168 5.55 0.48 -15.03
C GLU A 168 4.29 -0.38 -14.94
N ASN A 169 4.40 -1.70 -15.15
CA ASN A 169 3.22 -2.57 -15.07
C ASN A 169 2.68 -2.74 -13.66
N SER A 170 3.50 -2.49 -12.65
CA SER A 170 3.11 -2.87 -11.31
C SER A 170 2.19 -1.89 -10.58
N ILE A 171 1.47 -2.39 -9.59
CA ILE A 171 0.80 -1.47 -8.71
C ILE A 171 1.23 -1.77 -7.27
N PHE A 172 1.53 -0.70 -6.52
CA PHE A 172 1.99 -0.84 -5.16
C PHE A 172 0.82 -0.72 -4.19
N HIS A 173 0.40 -1.84 -3.60
CA HIS A 173 -0.76 -1.84 -2.72
C HIS A 173 -0.45 -1.24 -1.35
N MET A 174 0.52 -1.81 -0.66
CA MET A 174 0.91 -1.27 0.63
C MET A 174 2.35 -1.61 1.01
N ALA A 175 2.89 -0.88 1.98
CA ALA A 175 4.09 -1.28 2.66
C ALA A 175 3.85 -2.65 3.32
N ALA A 176 4.74 -3.60 3.08
CA ALA A 176 4.62 -4.92 3.70
C ALA A 176 5.86 -5.76 3.51
N TRP A 177 6.33 -6.40 4.57
CA TRP A 177 7.39 -7.40 4.39
C TRP A 177 6.87 -8.83 4.64
N SER A 178 5.55 -8.97 4.58
CA SER A 178 4.83 -10.24 4.59
C SER A 178 3.39 -9.97 4.16
N GLY A 179 2.82 -10.84 3.33
CA GLY A 179 1.56 -10.52 2.70
C GLY A 179 0.54 -11.62 2.41
N SER A 180 -0.61 -11.16 1.91
CA SER A 180 -1.68 -12.03 1.46
C SER A 180 -2.72 -11.16 0.77
N ALA A 181 -3.67 -11.82 0.10
CA ALA A 181 -4.77 -11.13 -0.55
C ALA A 181 -5.79 -12.16 -1.00
N CYS A 182 -7.00 -11.71 -1.29
CA CYS A 182 -8.10 -12.59 -1.69
C CYS A 182 -9.36 -11.79 -2.04
N HIS A 183 -10.19 -12.41 -2.87
CA HIS A 183 -11.39 -11.79 -3.40
C HIS A 183 -12.62 -12.47 -2.80
N ASP A 184 -13.62 -11.69 -2.42
CA ASP A 184 -14.78 -12.28 -1.78
C ASP A 184 -15.93 -12.39 -2.78
N GLY A 185 -15.70 -11.89 -3.99
CA GLY A 185 -16.69 -11.90 -5.03
C GLY A 185 -17.22 -10.50 -5.28
N LYS A 186 -16.98 -9.62 -4.30
CA LYS A 186 -17.42 -8.24 -4.38
C LYS A 186 -16.25 -7.24 -4.43
N GLU A 187 -15.08 -7.65 -3.95
CA GLU A 187 -13.98 -6.73 -3.73
C GLU A 187 -12.71 -7.47 -3.34
N TRP A 188 -11.56 -6.86 -3.63
CA TRP A 188 -10.28 -7.40 -3.20
C TRP A 188 -9.96 -7.03 -1.77
N THR A 189 -9.47 -8.00 -1.02
CA THR A 189 -8.91 -7.74 0.31
C THR A 189 -7.39 -7.88 0.22
N TYR A 190 -6.64 -6.90 0.71
CA TYR A 190 -5.18 -7.02 0.69
C TYR A 190 -4.64 -6.99 2.11
N ILE A 191 -3.59 -7.77 2.34
CA ILE A 191 -3.05 -7.96 3.69
C ILE A 191 -1.54 -7.79 3.69
N GLY A 192 -1.06 -6.94 4.60
CA GLY A 192 0.34 -6.62 4.65
C GLY A 192 0.83 -6.38 6.06
N VAL A 193 1.90 -7.07 6.43
CA VAL A 193 2.50 -6.88 7.74
C VAL A 193 3.83 -6.14 7.61
N ASP A 194 3.95 -5.03 8.32
CA ASP A 194 5.21 -4.30 8.38
C ASP A 194 5.47 -3.86 9.81
N GLY A 195 6.53 -3.08 10.01
CA GLY A 195 6.87 -2.61 11.34
C GLY A 195 8.09 -3.27 11.92
N PRO A 196 8.44 -2.90 13.16
CA PRO A 196 9.61 -3.46 13.86
C PRO A 196 9.42 -4.96 14.15
N ASP A 197 10.53 -5.71 14.22
CA ASP A 197 10.45 -7.14 14.49
C ASP A 197 9.73 -7.44 15.80
N ASN A 198 9.90 -6.56 16.78
CA ASN A 198 9.34 -6.77 18.11
C ASN A 198 7.93 -6.20 18.28
N ASN A 199 7.41 -5.61 17.21
CA ASN A 199 6.07 -5.06 17.28
C ASN A 199 5.51 -4.88 15.89
N ALA A 200 5.37 -5.98 15.17
CA ALA A 200 4.87 -5.91 13.80
C ALA A 200 3.39 -5.56 13.80
N LEU A 201 2.88 -5.21 12.62
CA LEU A 201 1.49 -4.81 12.49
C LEU A 201 0.91 -5.36 11.21
N LEU A 202 -0.14 -6.16 11.32
CA LEU A 202 -0.87 -6.59 10.14
C LEU A 202 -1.89 -5.52 9.74
N LYS A 203 -1.86 -5.11 8.48
CA LYS A 203 -2.77 -4.09 7.98
C LYS A 203 -3.73 -4.68 6.98
N VAL A 204 -5.00 -4.34 7.12
CA VAL A 204 -5.99 -4.83 6.18
C VAL A 204 -6.44 -3.71 5.29
N LYS A 205 -6.55 -4.00 4.01
CA LYS A 205 -7.00 -3.05 3.02
C LYS A 205 -8.11 -3.68 2.18
N TYR A 206 -9.27 -3.01 2.13
CA TYR A 206 -10.40 -3.47 1.32
C TYR A 206 -10.54 -2.57 0.09
N GLY A 207 -10.22 -3.08 -1.09
CA GLY A 207 -10.14 -2.23 -2.25
C GLY A 207 -9.11 -1.13 -2.05
N GLU A 208 -9.53 0.13 -2.20
CA GLU A 208 -8.61 1.26 -2.07
C GLU A 208 -8.38 1.71 -0.62
N ALA A 209 -9.23 1.25 0.29
CA ALA A 209 -9.22 1.76 1.66
C ALA A 209 -8.53 0.81 2.65
N TYR A 210 -7.82 1.38 3.62
CA TYR A 210 -7.25 0.62 4.71
C TYR A 210 -8.30 0.61 5.79
N THR A 211 -8.57 -0.57 6.34
CA THR A 211 -9.77 -0.79 7.14
C THR A 211 -9.58 -1.32 8.55
N ASP A 212 -8.46 -1.99 8.82
CA ASP A 212 -8.23 -2.56 10.14
C ASP A 212 -6.78 -2.98 10.32
N THR A 213 -6.41 -3.22 11.57
CA THR A 213 -5.06 -3.68 11.87
C THR A 213 -5.09 -4.76 12.96
N TYR A 214 -4.08 -5.63 12.94
CA TYR A 214 -3.92 -6.61 14.01
C TYR A 214 -2.52 -6.49 14.62
N HIS A 215 -2.42 -6.66 15.93
CA HIS A 215 -1.17 -6.41 16.64
C HIS A 215 -0.34 -7.66 16.88
N SER A 216 0.96 -7.48 17.06
CA SER A 216 1.84 -8.57 17.41
C SER A 216 1.32 -9.10 18.73
N TYR A 217 1.37 -10.42 18.92
CA TYR A 217 0.93 -10.99 20.19
C TYR A 217 2.03 -11.73 20.94
N ALA A 218 3.16 -11.93 20.25
CA ALA A 218 4.31 -12.58 20.88
C ALA A 218 5.54 -11.67 20.79
N ASN A 219 5.41 -10.57 20.05
CA ASN A 219 6.53 -9.66 19.82
C ASN A 219 7.74 -10.37 19.19
N LYS A 220 7.45 -11.39 18.39
CA LYS A 220 8.46 -12.09 17.61
C LYS A 220 8.02 -12.20 16.16
N ILE A 221 8.12 -11.10 15.44
CA ILE A 221 7.85 -11.02 14.01
C ILE A 221 6.51 -11.61 13.63
N LEU A 222 5.44 -10.91 13.99
CA LEU A 222 4.13 -11.18 13.45
C LEU A 222 4.28 -11.32 11.94
N ARG A 223 3.63 -12.33 11.37
CA ARG A 223 3.79 -12.63 9.95
C ARG A 223 2.62 -13.45 9.47
N THR A 224 2.41 -13.46 8.15
CA THR A 224 1.24 -14.14 7.60
C THR A 224 1.59 -15.13 6.48
N GLN A 225 0.59 -15.42 5.64
CA GLN A 225 0.62 -16.60 4.75
C GLN A 225 1.64 -16.64 3.61
N GLU A 226 1.82 -15.50 2.92
CA GLU A 226 2.52 -15.42 1.62
C GLU A 226 1.80 -16.22 0.53
N SER A 227 0.49 -16.36 0.69
CA SER A 227 -0.36 -16.98 -0.31
C SER A 227 -1.79 -16.43 -0.20
N ALA A 228 -2.61 -16.72 -1.19
CA ALA A 228 -3.98 -16.24 -1.18
C ALA A 228 -4.70 -16.68 0.08
N CYS A 229 -5.47 -15.76 0.65
CA CYS A 229 -6.38 -16.09 1.74
C CYS A 229 -7.72 -16.57 1.16
N ASN A 230 -8.66 -16.90 2.05
CA ASN A 230 -9.83 -17.65 1.60
C ASN A 230 -11.21 -17.12 2.00
N CYS A 231 -11.98 -16.77 0.97
CA CYS A 231 -13.24 -16.10 1.17
C CYS A 231 -14.40 -17.01 0.82
N ILE A 232 -15.30 -17.18 1.77
CA ILE A 232 -16.58 -17.83 1.54
C ILE A 232 -17.72 -16.98 2.12
N GLY A 233 -18.71 -16.67 1.30
CA GLY A 233 -19.86 -15.88 1.75
C GLY A 233 -19.51 -14.54 2.39
N GLY A 234 -18.48 -13.85 1.89
CA GLY A 234 -18.09 -12.57 2.43
C GLY A 234 -17.11 -12.65 3.59
N ASN A 235 -16.93 -13.84 4.13
CA ASN A 235 -15.96 -14.06 5.20
C ASN A 235 -14.62 -14.59 4.68
N CYS A 236 -13.57 -13.85 4.99
CA CYS A 236 -12.24 -14.21 4.53
C CYS A 236 -11.41 -14.73 5.68
N TYR A 237 -10.89 -15.95 5.53
CA TYR A 237 -10.05 -16.54 6.56
C TYR A 237 -8.57 -16.47 6.21
N LEU A 238 -7.76 -16.20 7.23
CA LEU A 238 -6.35 -15.90 7.06
C LEU A 238 -5.53 -16.44 8.21
N MET A 239 -4.42 -17.12 7.91
CA MET A 239 -3.50 -17.53 8.96
C MET A 239 -2.53 -16.40 9.23
N ILE A 240 -2.20 -16.22 10.51
CA ILE A 240 -1.17 -15.32 10.95
C ILE A 240 -0.41 -16.07 12.04
N THR A 241 0.84 -15.71 12.27
CA THR A 241 1.60 -16.36 13.32
C THR A 241 2.61 -15.40 13.89
N ASP A 242 3.10 -15.72 15.08
CA ASP A 242 3.98 -14.85 15.83
C ASP A 242 4.81 -15.71 16.78
N GLY A 243 6.13 -15.59 16.69
CA GLY A 243 6.99 -16.34 17.57
C GLY A 243 8.37 -16.61 16.98
N SER A 244 9.30 -17.03 17.83
CA SER A 244 10.63 -17.42 17.41
C SER A 244 10.55 -18.49 16.33
N ALA A 245 11.37 -18.33 15.29
CA ALA A 245 11.36 -19.25 14.16
C ALA A 245 12.26 -20.44 14.44
N SER A 246 12.90 -20.43 15.60
CA SER A 246 13.70 -21.55 16.04
C SER A 246 13.09 -22.09 17.32
N GLY A 247 11.84 -21.71 17.55
CA GLY A 247 11.12 -22.15 18.74
C GLY A 247 9.62 -22.22 18.53
N VAL A 248 8.88 -21.66 19.48
CA VAL A 248 7.42 -21.70 19.42
C VAL A 248 6.84 -20.54 18.62
N SER A 249 5.92 -20.87 17.72
CA SER A 249 5.14 -19.89 16.99
C SER A 249 3.71 -20.40 16.87
N GLU A 250 2.91 -20.20 17.91
CA GLU A 250 1.50 -20.61 17.86
C GLU A 250 0.76 -19.64 16.95
N CYS A 251 0.16 -20.17 15.90
CA CYS A 251 -0.53 -19.33 14.93
C CYS A 251 -1.98 -19.07 15.36
N ARG A 252 -2.65 -18.19 14.62
CA ARG A 252 -4.06 -17.90 14.81
C ARG A 252 -4.71 -17.76 13.45
N PHE A 253 -6.03 -17.80 13.44
CA PHE A 253 -6.75 -17.47 12.22
C PHE A 253 -7.58 -16.24 12.46
N LEU A 254 -7.63 -15.39 11.46
CA LEU A 254 -8.44 -14.19 11.55
C LEU A 254 -9.61 -14.35 10.60
N LYS A 255 -10.78 -13.94 11.06
CA LYS A 255 -11.94 -13.92 10.20
C LYS A 255 -12.21 -12.47 9.82
N ILE A 256 -12.01 -12.17 8.55
CA ILE A 256 -12.15 -10.81 8.04
C ILE A 256 -13.42 -10.70 7.19
N ARG A 257 -14.14 -9.58 7.31
CA ARG A 257 -15.33 -9.33 6.49
C ARG A 257 -15.40 -7.88 6.06
N GLU A 258 -15.47 -7.67 4.75
CA GLU A 258 -15.43 -6.33 4.16
C GLU A 258 -14.33 -5.44 4.75
N GLY A 259 -13.16 -6.05 4.90
CA GLY A 259 -11.97 -5.39 5.40
C GLY A 259 -11.81 -5.39 6.91
N ARG A 260 -12.84 -5.84 7.62
CA ARG A 260 -12.79 -5.75 9.08
C ARG A 260 -12.77 -7.10 9.80
N ILE A 261 -11.89 -7.18 10.79
CA ILE A 261 -11.69 -8.42 11.56
C ILE A 261 -12.80 -8.58 12.59
N ILE A 262 -13.55 -9.68 12.46
CA ILE A 262 -14.77 -9.87 13.25
C ILE A 262 -14.67 -11.03 14.24
N LYS A 263 -13.60 -11.80 14.14
CA LYS A 263 -13.37 -12.92 15.04
C LYS A 263 -11.94 -13.40 14.92
N GLU A 264 -11.33 -13.72 16.06
CA GLU A 264 -10.06 -14.42 16.08
C GLU A 264 -10.31 -15.87 16.41
N ILE A 265 -9.78 -16.77 15.59
CA ILE A 265 -9.94 -18.19 15.85
C ILE A 265 -8.62 -18.77 16.38
N PHE A 266 -8.68 -19.34 17.58
CA PHE A 266 -7.49 -19.90 18.23
C PHE A 266 -7.50 -21.41 18.10
N PRO A 267 -6.63 -21.94 17.23
CA PRO A 267 -6.62 -23.38 16.91
C PRO A 267 -6.21 -24.24 18.09
N THR A 268 -6.85 -25.39 18.25
CA THR A 268 -6.46 -26.39 19.23
C THR A 268 -5.60 -27.50 18.62
N GLY A 269 -4.93 -28.28 19.46
CA GLY A 269 -4.14 -29.41 19.00
C GLY A 269 -2.64 -29.17 18.93
N ARG A 270 -2.02 -29.63 17.86
CA ARG A 270 -0.58 -29.54 17.71
C ARG A 270 -0.21 -28.11 17.28
N VAL A 271 0.06 -27.26 18.26
CA VAL A 271 0.16 -25.83 17.97
C VAL A 271 1.57 -25.23 18.11
N LYS A 272 2.53 -26.07 18.54
CA LYS A 272 3.92 -25.68 18.79
C LYS A 272 4.49 -24.68 17.79
N HIS A 273 4.37 -24.98 16.51
CA HIS A 273 4.97 -24.12 15.51
C HIS A 273 4.27 -24.25 14.16
N THR A 274 3.48 -23.24 13.82
CA THR A 274 2.82 -23.20 12.53
C THR A 274 3.14 -21.89 11.87
N GLU A 275 3.44 -21.92 10.58
CA GLU A 275 3.58 -20.70 9.81
C GLU A 275 3.49 -20.95 8.30
N GLU A 276 3.27 -19.87 7.57
CA GLU A 276 3.28 -19.85 6.12
C GLU A 276 2.34 -20.87 5.51
N CYS A 277 1.24 -21.12 6.21
CA CYS A 277 0.17 -21.98 5.72
C CYS A 277 -0.30 -21.65 4.33
N THR A 278 -0.47 -22.69 3.52
CA THR A 278 -1.07 -22.55 2.22
C THR A 278 -2.46 -23.15 2.38
N CYS A 279 -3.48 -22.31 2.18
CA CYS A 279 -4.84 -22.69 2.54
C CYS A 279 -5.76 -22.69 1.35
N GLY A 280 -6.79 -23.52 1.41
CA GLY A 280 -7.76 -23.60 0.33
C GLY A 280 -8.99 -24.33 0.80
N PHE A 281 -10.07 -24.21 0.04
CA PHE A 281 -11.33 -24.83 0.45
C PHE A 281 -11.37 -26.31 0.09
N ALA A 282 -11.62 -27.15 1.09
CA ALA A 282 -11.91 -28.57 0.85
C ALA A 282 -13.40 -28.81 0.62
N SER A 283 -14.23 -27.92 1.14
CA SER A 283 -15.67 -27.94 0.93
C SER A 283 -16.27 -26.61 1.35
N ASN A 284 -17.60 -26.50 1.29
CA ASN A 284 -18.27 -25.31 1.78
C ASN A 284 -18.22 -25.24 3.30
N LYS A 285 -17.59 -26.24 3.90
CA LYS A 285 -17.62 -26.41 5.35
C LYS A 285 -16.22 -26.34 5.94
N THR A 286 -15.22 -26.72 5.14
CA THR A 286 -13.88 -26.90 5.67
C THR A 286 -12.79 -26.27 4.81
N ILE A 287 -11.89 -25.55 5.47
CA ILE A 287 -10.66 -25.03 4.86
C ILE A 287 -9.49 -25.88 5.35
N GLU A 288 -8.62 -26.29 4.45
CA GLU A 288 -7.43 -27.04 4.86
C GLU A 288 -6.15 -26.28 4.52
N CYS A 289 -5.20 -26.37 5.45
CA CYS A 289 -3.92 -25.68 5.35
C CYS A 289 -2.79 -26.64 5.56
N ALA A 290 -1.86 -26.65 4.62
CA ALA A 290 -0.57 -27.33 4.79
C ALA A 290 0.49 -26.27 5.12
N CYS A 291 1.19 -26.46 6.24
CA CYS A 291 2.04 -25.39 6.75
C CYS A 291 3.53 -25.75 6.89
N ARG A 292 4.23 -24.98 7.72
CA ARG A 292 5.68 -25.11 7.87
C ARG A 292 6.09 -25.05 9.34
N ASP A 293 6.69 -26.12 9.82
CA ASP A 293 7.35 -26.06 11.11
C ASP A 293 8.82 -25.79 10.85
N ASN A 294 9.24 -24.57 11.15
CA ASN A 294 10.62 -24.18 10.94
C ASN A 294 11.51 -24.67 12.06
N SER A 295 10.89 -25.27 13.07
CA SER A 295 11.62 -25.61 14.27
C SER A 295 11.79 -27.10 14.57
N TYR A 296 10.67 -27.83 14.58
CA TYR A 296 10.62 -29.13 15.27
C TYR A 296 10.51 -30.35 14.38
N THR A 297 9.96 -30.18 13.17
CA THR A 297 9.73 -31.32 12.29
C THR A 297 9.86 -30.97 10.82
N ALA A 298 10.00 -32.01 10.00
CA ALA A 298 9.98 -31.89 8.55
C ALA A 298 8.61 -32.27 8.02
N LYS A 299 7.72 -32.70 8.92
CA LYS A 299 6.34 -32.92 8.53
C LYS A 299 5.63 -31.57 8.48
N ARG A 300 4.68 -31.43 7.56
CA ARG A 300 3.88 -30.20 7.51
C ARG A 300 2.68 -30.27 8.46
N PRO A 301 2.58 -29.29 9.37
CA PRO A 301 1.38 -29.17 10.21
C PRO A 301 0.16 -28.94 9.31
N PHE A 302 -0.97 -29.53 9.66
CA PHE A 302 -2.10 -29.56 8.75
C PHE A 302 -3.36 -29.08 9.44
N VAL A 303 -3.81 -27.91 9.05
CA VAL A 303 -4.95 -27.29 9.72
C VAL A 303 -6.26 -27.67 9.05
N LYS A 304 -7.22 -28.07 9.88
CA LYS A 304 -8.59 -28.21 9.43
C LYS A 304 -9.34 -27.11 10.14
N LEU A 305 -9.98 -26.23 9.36
CA LEU A 305 -10.77 -25.11 9.88
C LEU A 305 -12.22 -25.31 9.48
N ASN A 306 -13.08 -25.55 10.47
CA ASN A 306 -14.50 -25.61 10.19
C ASN A 306 -15.04 -24.20 10.10
N VAL A 307 -15.54 -23.85 8.92
CA VAL A 307 -16.00 -22.51 8.65
C VAL A 307 -17.40 -22.22 9.20
N GLU A 308 -18.16 -23.28 9.49
CA GLU A 308 -19.50 -23.14 10.02
C GLU A 308 -19.51 -22.83 11.51
N THR A 309 -18.55 -23.38 12.25
CA THR A 309 -18.48 -23.17 13.69
C THR A 309 -17.29 -22.30 14.11
N ASP A 310 -16.43 -21.96 13.14
CA ASP A 310 -15.26 -21.13 13.37
C ASP A 310 -14.32 -21.70 14.43
N THR A 311 -14.03 -22.98 14.28
CA THR A 311 -13.09 -23.70 15.13
C THR A 311 -12.03 -24.28 14.23
N ALA A 312 -10.82 -24.39 14.75
CA ALA A 312 -9.72 -24.94 13.95
C ALA A 312 -8.87 -25.87 14.79
N GLU A 313 -8.33 -26.90 14.13
CA GLU A 313 -7.49 -27.88 14.78
C GLU A 313 -6.27 -28.23 13.92
N ILE A 314 -5.11 -28.39 14.56
CA ILE A 314 -3.91 -28.77 13.84
C ILE A 314 -3.27 -30.06 14.33
N ARG A 315 -2.98 -30.96 13.39
CA ARG A 315 -2.10 -32.10 13.63
C ARG A 315 -1.14 -32.15 12.45
N LEU A 316 -0.01 -32.86 12.59
CA LEU A 316 0.94 -33.03 11.51
C LEU A 316 0.46 -34.04 10.48
N MET A 317 0.90 -33.90 9.23
CA MET A 317 0.61 -34.90 8.21
C MET A 317 1.32 -36.20 8.52
N CYS A 318 0.63 -37.30 8.29
CA CYS A 318 1.20 -38.60 8.65
C CYS A 318 1.99 -39.18 7.48
N THR A 319 1.67 -38.75 6.26
CA THR A 319 2.29 -39.28 5.06
C THR A 319 3.81 -39.41 5.13
N ASP A 320 4.31 -40.57 4.69
CA ASP A 320 5.73 -40.83 4.65
C ASP A 320 6.42 -39.85 3.70
N THR A 321 5.64 -39.32 2.76
CA THR A 321 6.13 -38.32 1.84
C THR A 321 6.22 -36.99 2.56
N TYR A 322 7.19 -36.86 3.46
CA TYR A 322 7.39 -35.62 4.20
C TYR A 322 7.63 -34.47 3.21
N LEU A 323 7.07 -33.30 3.50
CA LEU A 323 6.95 -32.28 2.47
C LEU A 323 7.79 -31.04 2.72
N ASP A 324 8.33 -30.91 3.91
CA ASP A 324 9.22 -29.79 4.22
C ASP A 324 10.62 -29.98 3.63
N THR A 325 11.38 -28.89 3.61
CA THR A 325 12.77 -28.91 3.23
C THR A 325 13.51 -28.03 4.23
N PRO A 326 14.53 -28.57 4.89
CA PRO A 326 15.06 -29.93 4.72
C PRO A 326 14.15 -31.02 5.30
N ARG A 327 14.45 -32.26 4.95
CA ARG A 327 13.73 -33.42 5.47
C ARG A 327 14.64 -34.65 5.42
N PRO A 328 14.34 -35.67 6.23
CA PRO A 328 15.07 -36.95 6.18
C PRO A 328 14.53 -37.82 5.06
N ASN A 329 14.93 -39.09 5.01
CA ASN A 329 14.41 -39.94 3.95
C ASN A 329 12.95 -40.26 4.24
N ASP A 330 12.14 -40.39 3.19
CA ASP A 330 10.73 -40.75 3.33
C ASP A 330 10.52 -41.96 4.26
N GLY A 331 9.48 -41.91 5.10
CA GLY A 331 9.18 -42.97 6.04
C GLY A 331 10.25 -43.33 7.07
N SER A 332 11.17 -42.41 7.34
CA SER A 332 12.25 -42.68 8.28
C SER A 332 11.96 -42.13 9.68
N ILE A 333 11.02 -41.20 9.78
CA ILE A 333 10.57 -40.71 11.08
C ILE A 333 9.69 -41.78 11.71
N THR A 334 10.21 -42.45 12.73
CA THR A 334 9.47 -43.54 13.35
C THR A 334 8.65 -43.09 14.54
N GLY A 335 7.56 -43.79 14.77
CA GLY A 335 6.71 -43.54 15.91
C GLY A 335 5.30 -43.32 15.41
N PRO A 336 4.39 -42.96 16.33
CA PRO A 336 3.04 -42.54 15.96
C PRO A 336 3.07 -41.38 14.99
N CYS A 337 1.91 -40.99 14.52
CA CYS A 337 1.81 -39.95 13.50
C CYS A 337 2.37 -38.61 13.93
N GLU A 338 2.23 -38.29 15.21
CA GLU A 338 2.62 -36.98 15.75
C GLU A 338 4.13 -36.82 15.97
N SER A 339 4.88 -37.90 15.75
CA SER A 339 6.32 -37.91 15.97
C SER A 339 7.05 -36.90 15.10
N ASN A 340 7.87 -36.07 15.73
CA ASN A 340 8.61 -35.02 15.04
C ASN A 340 9.75 -35.52 14.14
N GLY A 341 10.71 -36.23 14.72
CA GLY A 341 11.82 -36.80 13.94
C GLY A 341 13.07 -35.92 13.80
N ASP A 342 14.01 -36.39 12.98
CA ASP A 342 15.25 -35.65 12.73
C ASP A 342 15.10 -34.65 11.58
N LYS A 343 16.08 -33.75 11.44
CA LYS A 343 16.06 -32.70 10.42
C LYS A 343 14.84 -31.79 10.47
N GLY A 344 14.34 -31.54 11.69
CA GLY A 344 13.21 -30.65 11.89
C GLY A 344 13.54 -29.19 11.69
N SER A 345 14.68 -28.75 12.21
CA SER A 345 15.16 -27.39 12.06
C SER A 345 15.20 -26.92 10.60
N GLY A 346 14.61 -25.76 10.33
CA GLY A 346 14.55 -25.23 8.99
C GLY A 346 13.19 -25.49 8.39
N GLY A 347 12.96 -25.00 7.18
CA GLY A 347 11.68 -25.15 6.55
C GLY A 347 11.54 -24.41 5.24
N ILE A 348 10.38 -24.61 4.62
CA ILE A 348 10.02 -23.98 3.36
C ILE A 348 8.51 -24.03 3.22
N LYS A 349 7.95 -23.03 2.55
CA LYS A 349 6.51 -22.98 2.34
C LYS A 349 6.17 -23.86 1.15
N GLY A 350 5.14 -24.69 1.30
CA GLY A 350 4.80 -25.64 0.25
C GLY A 350 3.46 -25.45 -0.44
N GLY A 351 3.43 -25.78 -1.73
CA GLY A 351 2.19 -25.77 -2.46
C GLY A 351 1.20 -26.80 -1.96
N PHE A 352 -0.06 -26.40 -1.92
CA PHE A 352 -1.16 -27.27 -1.53
C PHE A 352 -2.40 -26.71 -2.22
N VAL A 353 -3.20 -27.58 -2.82
CA VAL A 353 -4.40 -27.15 -3.53
C VAL A 353 -5.44 -28.28 -3.59
N HIS A 354 -6.72 -27.91 -3.58
CA HIS A 354 -7.81 -28.89 -3.55
C HIS A 354 -8.43 -29.16 -4.90
N GLN A 355 -8.78 -30.41 -5.13
CA GLN A 355 -9.57 -30.76 -6.30
C GLN A 355 -10.92 -31.33 -5.83
N ARG A 356 -11.98 -30.55 -5.99
CA ARG A 356 -13.27 -30.90 -5.39
C ARG A 356 -14.21 -31.57 -6.38
N MET A 357 -14.47 -32.85 -6.15
CA MET A 357 -15.36 -33.61 -7.02
C MET A 357 -16.70 -33.93 -6.36
N GLU A 358 -17.55 -34.65 -7.09
CA GLU A 358 -18.86 -35.10 -6.62
C GLU A 358 -18.89 -35.47 -5.14
N SER A 359 -18.22 -36.55 -4.79
CA SER A 359 -18.11 -36.94 -3.39
C SER A 359 -16.73 -37.51 -3.12
N LYS A 360 -15.72 -36.82 -3.65
CA LYS A 360 -14.34 -37.08 -3.29
C LYS A 360 -13.47 -35.83 -3.46
N ILE A 361 -12.39 -35.77 -2.70
CA ILE A 361 -11.51 -34.62 -2.77
C ILE A 361 -10.04 -35.05 -2.98
N GLY A 362 -9.42 -34.48 -4.01
CA GLY A 362 -8.02 -34.69 -4.24
C GLY A 362 -7.18 -33.61 -3.59
N ARG A 363 -6.07 -34.01 -3.00
CA ARG A 363 -5.17 -33.05 -2.41
C ARG A 363 -3.83 -33.07 -3.14
N TRP A 364 -3.46 -31.93 -3.71
CA TRP A 364 -2.24 -31.79 -4.49
C TRP A 364 -1.17 -31.01 -3.73
N TYR A 365 0.01 -31.60 -3.59
CA TYR A 365 1.11 -30.94 -2.87
C TYR A 365 2.39 -30.83 -3.69
N SER A 366 3.23 -29.85 -3.33
CA SER A 366 4.55 -29.72 -3.96
C SER A 366 5.70 -29.71 -2.95
N ARG A 367 6.81 -30.35 -3.31
CA ARG A 367 8.02 -30.33 -2.48
C ARG A 367 9.26 -30.29 -3.34
N THR A 368 10.30 -29.61 -2.85
CA THR A 368 11.58 -29.57 -3.56
C THR A 368 12.16 -30.97 -3.79
N MET A 369 12.76 -31.17 -4.95
CA MET A 369 13.35 -32.45 -5.31
C MET A 369 14.55 -32.88 -4.46
N SER A 370 15.23 -31.92 -3.83
CA SER A 370 16.34 -32.24 -2.94
C SER A 370 15.85 -32.31 -1.51
N LYS A 371 16.43 -33.22 -0.72
CA LYS A 371 16.04 -33.36 0.69
C LYS A 371 16.51 -32.18 1.53
N THR A 372 17.49 -31.44 1.05
CA THR A 372 18.18 -30.46 1.89
C THR A 372 18.32 -29.10 1.25
N GLU A 373 18.39 -29.05 -0.07
CA GLU A 373 18.54 -27.77 -0.75
C GLU A 373 17.23 -27.34 -1.40
N ARG A 374 17.15 -26.08 -1.77
CA ARG A 374 15.97 -25.54 -2.43
C ARG A 374 16.05 -25.70 -3.94
N MET A 375 16.16 -26.95 -4.36
CA MET A 375 16.34 -27.29 -5.76
C MET A 375 15.20 -28.21 -6.22
N GLY A 376 14.66 -27.91 -7.40
CA GLY A 376 13.62 -28.73 -7.98
C GLY A 376 12.29 -28.59 -7.26
N MET A 377 11.25 -29.11 -7.89
CA MET A 377 9.91 -29.08 -7.30
C MET A 377 9.10 -30.20 -7.91
N GLY A 378 8.63 -31.11 -7.07
CA GLY A 378 7.85 -32.23 -7.54
C GLY A 378 6.39 -32.08 -7.14
N LEU A 379 5.50 -32.75 -7.86
CA LEU A 379 4.06 -32.71 -7.59
C LEU A 379 3.60 -34.03 -7.01
N TYR A 380 2.67 -33.98 -6.06
CA TYR A 380 2.11 -35.18 -5.45
C TYR A 380 0.61 -35.01 -5.23
N VAL A 381 -0.12 -36.13 -5.26
CA VAL A 381 -1.56 -36.13 -5.06
C VAL A 381 -1.99 -37.29 -4.18
N LYS A 382 -3.13 -37.12 -3.52
CA LYS A 382 -3.72 -38.16 -2.68
C LYS A 382 -5.21 -37.92 -2.55
N TYR A 383 -5.99 -38.77 -3.20
CA TYR A 383 -7.44 -38.68 -3.13
C TYR A 383 -7.96 -39.20 -1.81
N ASP A 384 -8.76 -38.37 -1.15
CA ASP A 384 -9.51 -38.75 0.05
C ASP A 384 -8.63 -39.13 1.24
N GLY A 385 -9.27 -39.77 2.22
CA GLY A 385 -8.60 -40.14 3.45
C GLY A 385 -8.38 -38.94 4.36
N ASP A 386 -7.89 -39.22 5.55
CA ASP A 386 -7.56 -38.21 6.54
C ASP A 386 -6.06 -37.97 6.52
N PRO A 387 -5.63 -36.75 6.17
CA PRO A 387 -4.19 -36.48 6.11
C PRO A 387 -3.48 -36.55 7.46
N TRP A 388 -4.22 -36.72 8.55
CA TRP A 388 -3.64 -36.80 9.88
C TRP A 388 -3.29 -38.24 10.23
N ALA A 389 -3.73 -39.17 9.39
CA ALA A 389 -3.69 -40.57 9.75
C ALA A 389 -3.17 -41.46 8.64
N ASP A 390 -3.06 -40.91 7.43
CA ASP A 390 -2.64 -41.72 6.30
C ASP A 390 -1.12 -41.74 6.14
N SER A 391 -0.51 -42.77 6.71
CA SER A 391 0.92 -43.03 6.63
C SER A 391 1.35 -43.23 5.18
N ASP A 392 0.43 -43.72 4.35
CA ASP A 392 0.67 -43.98 2.93
C ASP A 392 1.48 -42.87 2.27
N ALA A 393 2.45 -43.28 1.45
CA ALA A 393 3.15 -42.34 0.62
C ALA A 393 2.14 -41.72 -0.34
N LEU A 394 2.32 -40.43 -0.63
CA LEU A 394 1.55 -39.73 -1.65
C LEU A 394 2.01 -40.16 -3.05
N ALA A 395 1.11 -40.18 -4.01
CA ALA A 395 1.47 -40.55 -5.38
C ALA A 395 2.31 -39.47 -6.07
N PHE A 396 3.43 -39.87 -6.66
CA PHE A 396 4.29 -38.90 -7.32
C PHE A 396 3.71 -38.53 -8.68
N SER A 397 3.28 -37.29 -8.84
CA SER A 397 2.59 -36.87 -10.06
C SER A 397 3.50 -36.23 -11.11
N GLY A 398 4.71 -35.85 -10.72
CA GLY A 398 5.69 -35.43 -11.69
C GLY A 398 6.73 -34.42 -11.27
N VAL A 399 7.69 -34.18 -12.17
CA VAL A 399 8.69 -33.15 -11.97
C VAL A 399 8.27 -31.83 -12.63
N MET A 400 8.03 -30.79 -11.82
CA MET A 400 7.74 -29.44 -12.33
C MET A 400 9.00 -28.60 -12.58
N VAL A 401 9.93 -28.67 -11.63
CA VAL A 401 11.26 -28.07 -11.76
C VAL A 401 12.33 -29.16 -11.55
N SER A 402 13.32 -29.23 -12.43
CA SER A 402 14.36 -30.24 -12.26
C SER A 402 15.27 -29.93 -11.07
N MET A 403 15.99 -30.94 -10.61
CA MET A 403 16.94 -30.75 -9.51
C MET A 403 18.08 -29.79 -9.89
N LYS A 404 18.13 -29.40 -11.16
CA LYS A 404 19.13 -28.48 -11.65
C LYS A 404 18.67 -27.03 -11.70
N GLU A 405 17.44 -26.76 -11.31
CA GLU A 405 16.92 -25.40 -11.24
C GLU A 405 16.45 -25.13 -9.82
N PRO A 406 16.38 -23.85 -9.42
CA PRO A 406 15.89 -23.53 -8.06
C PRO A 406 14.41 -23.88 -7.87
N GLY A 407 14.10 -24.41 -6.69
CA GLY A 407 12.73 -24.64 -6.27
C GLY A 407 12.57 -24.08 -4.86
N TRP A 408 11.95 -22.90 -4.77
CA TRP A 408 11.76 -22.27 -3.46
C TRP A 408 10.32 -22.39 -2.96
N TYR A 409 9.74 -21.28 -2.53
CA TYR A 409 8.34 -21.29 -2.09
C TYR A 409 7.43 -21.79 -3.19
N SER A 410 6.39 -22.52 -2.77
CA SER A 410 5.32 -22.89 -3.66
C SER A 410 4.00 -22.65 -2.96
N PHE A 411 2.94 -22.54 -3.75
CA PHE A 411 1.66 -22.09 -3.25
C PHE A 411 0.55 -22.59 -4.13
N GLY A 412 -0.64 -22.71 -3.56
CA GLY A 412 -1.80 -23.12 -4.32
C GLY A 412 -2.73 -21.93 -4.50
N PHE A 413 -3.35 -21.86 -5.67
CA PHE A 413 -4.42 -20.91 -5.96
C PHE A 413 -5.40 -21.56 -6.95
N GLU A 414 -6.63 -21.04 -7.02
CA GLU A 414 -7.60 -21.52 -8.00
C GLU A 414 -8.02 -20.42 -8.96
N ILE A 415 -8.21 -20.79 -10.22
CA ILE A 415 -8.73 -19.90 -11.26
C ILE A 415 -10.22 -20.20 -11.46
N LYS A 416 -11.02 -19.17 -11.73
CA LYS A 416 -12.45 -19.40 -11.89
C LYS A 416 -12.81 -19.51 -13.36
N ASP A 417 -13.22 -20.71 -13.77
CA ASP A 417 -13.82 -20.94 -15.09
C ASP A 417 -15.32 -20.61 -15.04
N LYS A 418 -16.00 -20.66 -16.17
CA LYS A 418 -17.40 -20.28 -16.24
C LYS A 418 -18.28 -20.94 -15.19
N LYS A 419 -18.17 -22.26 -15.04
CA LYS A 419 -19.03 -22.94 -14.08
C LYS A 419 -18.27 -23.74 -13.00
N CYS A 420 -16.93 -23.74 -13.08
CA CYS A 420 -16.17 -24.54 -12.13
C CYS A 420 -14.80 -23.95 -11.84
N ASP A 421 -14.13 -24.50 -10.83
CA ASP A 421 -12.85 -23.94 -10.40
C ASP A 421 -11.65 -24.77 -10.89
N VAL A 422 -10.58 -24.08 -11.29
CA VAL A 422 -9.35 -24.74 -11.79
C VAL A 422 -8.21 -24.65 -10.79
N PRO A 423 -7.89 -25.78 -10.16
CA PRO A 423 -6.83 -25.87 -9.15
C PRO A 423 -5.43 -25.77 -9.78
N CYS A 424 -4.57 -24.99 -9.13
CA CYS A 424 -3.29 -24.67 -9.69
C CYS A 424 -2.22 -24.62 -8.62
N ILE A 425 -0.98 -24.83 -9.04
CA ILE A 425 0.16 -24.67 -8.14
C ILE A 425 1.20 -23.73 -8.74
N GLY A 426 1.67 -22.80 -7.92
CA GLY A 426 2.68 -21.86 -8.36
C GLY A 426 3.99 -22.13 -7.68
N ILE A 427 5.08 -22.04 -8.44
CA ILE A 427 6.39 -22.24 -7.87
C ILE A 427 7.27 -21.00 -7.94
N GLU A 428 7.85 -20.63 -6.81
CA GLU A 428 8.84 -19.56 -6.80
C GLU A 428 10.23 -20.08 -7.13
N MET A 429 10.77 -19.59 -8.23
CA MET A 429 12.09 -19.98 -8.66
C MET A 429 13.02 -18.80 -8.48
N VAL A 430 13.68 -18.77 -7.32
CA VAL A 430 14.58 -17.69 -6.95
C VAL A 430 15.91 -17.77 -7.69
N HIS A 431 16.37 -16.61 -8.17
CA HIS A 431 17.70 -16.47 -8.71
C HIS A 431 18.64 -16.01 -7.60
N ASP A 432 19.53 -16.91 -7.16
CA ASP A 432 20.40 -16.63 -6.02
C ASP A 432 21.88 -16.69 -6.38
N GLY A 433 22.54 -15.55 -6.33
CA GLY A 433 23.96 -15.46 -6.64
C GLY A 433 24.76 -15.01 -5.44
N GLY A 434 24.12 -14.97 -4.27
CA GLY A 434 24.77 -14.56 -3.03
C GLY A 434 24.48 -13.13 -2.62
N LYS A 435 24.99 -12.73 -1.46
CA LYS A 435 24.67 -11.41 -0.91
C LYS A 435 25.40 -10.26 -1.60
N GLU A 436 26.07 -10.56 -2.71
CA GLU A 436 26.90 -9.57 -3.37
C GLU A 436 26.42 -9.27 -4.79
N THR A 437 25.20 -9.71 -5.07
CA THR A 437 24.54 -9.43 -6.34
C THR A 437 23.03 -9.46 -6.13
N TRP A 438 22.25 -9.16 -7.18
CA TRP A 438 20.81 -9.05 -7.02
C TRP A 438 20.16 -10.41 -6.68
N HIS A 439 18.98 -10.36 -6.08
CA HIS A 439 18.35 -11.53 -5.51
C HIS A 439 16.85 -11.44 -5.75
N SER A 440 16.40 -12.00 -6.87
CA SER A 440 14.98 -11.94 -7.20
C SER A 440 14.42 -13.31 -7.60
N ALA A 441 13.28 -13.36 -8.27
CA ALA A 441 12.60 -14.62 -8.49
C ALA A 441 11.64 -14.68 -9.67
N ALA A 442 11.57 -15.85 -10.31
CA ALA A 442 10.55 -16.14 -11.31
C ALA A 442 9.38 -16.91 -10.68
N THR A 443 8.28 -17.04 -11.42
CA THR A 443 7.13 -17.84 -10.99
C THR A 443 6.67 -18.84 -12.06
N ALA A 444 6.69 -20.13 -11.73
CA ALA A 444 6.20 -21.16 -12.65
C ALA A 444 4.78 -21.55 -12.29
N ILE A 445 3.94 -21.78 -13.29
CA ILE A 445 2.56 -22.22 -13.02
C ILE A 445 2.15 -23.61 -13.55
N TYR A 446 1.67 -24.45 -12.65
CA TYR A 446 1.07 -25.72 -13.06
C TYR A 446 -0.40 -25.80 -12.67
N CYS A 447 -1.23 -26.25 -13.59
CA CYS A 447 -2.66 -26.37 -13.34
C CYS A 447 -3.19 -27.74 -13.73
N LEU A 448 -4.21 -28.20 -13.03
CA LEU A 448 -4.97 -29.36 -13.45
C LEU A 448 -5.49 -29.11 -14.86
N MET A 449 -5.10 -29.95 -15.79
CA MET A 449 -5.66 -29.89 -17.14
C MET A 449 -5.60 -31.21 -17.93
N GLY A 450 -6.76 -31.68 -18.38
CA GLY A 450 -6.84 -32.92 -19.13
C GLY A 450 -6.46 -34.14 -18.32
N SER A 451 -6.21 -35.25 -19.00
CA SER A 451 -5.75 -36.47 -18.33
C SER A 451 -4.31 -36.82 -18.73
N GLY A 452 -3.74 -37.86 -18.12
CA GLY A 452 -2.43 -38.31 -18.53
C GLY A 452 -1.39 -38.22 -17.45
N GLN A 453 -0.13 -38.08 -17.85
CA GLN A 453 0.95 -37.83 -16.92
C GLN A 453 1.39 -36.40 -17.16
N LEU A 454 1.99 -35.78 -16.15
CA LEU A 454 2.58 -34.46 -16.32
C LEU A 454 3.80 -34.60 -17.25
N LEU A 455 3.82 -33.80 -18.31
CA LEU A 455 4.87 -33.92 -19.31
C LEU A 455 6.16 -33.09 -19.06
N TRP A 456 6.14 -31.80 -19.42
CA TRP A 456 7.36 -30.99 -19.36
C TRP A 456 7.60 -30.30 -18.02
N ASP A 457 8.84 -29.94 -17.77
CA ASP A 457 9.23 -29.20 -16.59
C ASP A 457 9.63 -27.76 -16.97
N THR A 458 9.90 -26.93 -15.96
CA THR A 458 10.14 -25.51 -16.17
C THR A 458 11.56 -25.09 -15.82
N VAL A 459 12.19 -24.33 -16.72
CA VAL A 459 13.42 -23.60 -16.39
C VAL A 459 13.09 -22.11 -16.35
N THR A 460 13.95 -21.31 -15.76
CA THR A 460 13.73 -19.87 -15.78
C THR A 460 14.48 -19.21 -16.92
N GLY A 461 15.52 -19.88 -17.43
CA GLY A 461 16.31 -19.37 -18.53
C GLY A 461 17.14 -18.11 -18.24
N VAL A 462 17.33 -17.78 -16.97
CA VAL A 462 18.05 -16.57 -16.60
C VAL A 462 19.53 -16.79 -16.33
N ASP A 463 20.39 -16.00 -16.96
CA ASP A 463 21.80 -15.93 -16.63
C ASP A 463 22.01 -14.77 -15.67
N MET A 464 22.28 -15.07 -14.40
CA MET A 464 22.44 -14.03 -13.38
C MET A 464 23.65 -13.13 -13.60
N ALA A 465 24.48 -13.49 -14.58
CA ALA A 465 25.69 -12.73 -14.88
C ALA A 465 25.48 -11.63 -15.93
N LEU A 466 24.39 -11.73 -16.68
CA LEU A 466 24.05 -10.74 -17.71
C LEU A 466 23.37 -9.51 -17.12
N GLU B 77 -26.69 5.03 -12.18
CA GLU B 77 -26.43 6.46 -12.34
C GLU B 77 -25.84 7.06 -11.05
N PRO B 78 -24.83 7.95 -11.19
CA PRO B 78 -24.06 8.48 -10.04
C PRO B 78 -24.73 9.67 -9.33
N GLU B 79 -24.69 9.65 -7.99
CA GLU B 79 -25.22 10.76 -7.18
C GLU B 79 -24.09 11.73 -6.90
N TRP B 80 -24.42 12.92 -6.41
CA TRP B 80 -23.38 13.80 -5.87
C TRP B 80 -22.89 13.17 -4.59
N THR B 81 -21.78 13.66 -4.10
CA THR B 81 -21.09 13.06 -2.98
C THR B 81 -21.05 13.98 -1.78
N TYR B 82 -21.02 13.38 -0.60
CA TYR B 82 -21.12 14.11 0.65
C TYR B 82 -20.13 13.49 1.61
N PRO B 83 -19.65 14.29 2.57
CA PRO B 83 -18.77 13.68 3.56
C PRO B 83 -19.58 12.72 4.41
N ARG B 84 -19.06 11.51 4.59
CA ARG B 84 -19.69 10.52 5.46
C ARG B 84 -18.97 10.48 6.80
N LEU B 85 -19.58 9.80 7.76
CA LEU B 85 -18.91 9.56 9.03
C LEU B 85 -17.61 8.85 8.71
N SER B 86 -16.62 9.02 9.59
CA SER B 86 -15.33 8.38 9.36
C SER B 86 -15.39 6.91 9.75
N CYS B 87 -14.38 6.16 9.32
CA CYS B 87 -14.25 4.75 9.70
C CYS B 87 -13.70 4.63 11.11
N PRO B 88 -14.04 3.53 11.78
CA PRO B 88 -13.51 3.44 13.15
C PRO B 88 -11.99 3.27 13.13
N GLY B 89 -11.35 3.68 14.22
CA GLY B 89 -9.90 3.65 14.32
C GLY B 89 -9.46 4.73 15.29
N SER B 90 -8.36 4.49 16.00
CA SER B 90 -7.88 5.44 16.99
C SER B 90 -6.43 5.89 16.76
N THR B 91 -5.80 5.39 15.69
CA THR B 91 -4.41 5.71 15.38
C THR B 91 -4.13 5.63 13.89
N PHE B 92 -3.09 6.34 13.46
CA PHE B 92 -2.62 6.23 12.10
C PHE B 92 -1.55 5.16 12.02
N GLN B 93 -1.37 4.60 10.83
CA GLN B 93 -0.26 3.67 10.54
C GLN B 93 0.31 3.94 9.15
N LYS B 94 1.55 3.51 8.93
CA LYS B 94 2.20 3.61 7.64
C LYS B 94 1.45 2.77 6.61
N ALA B 95 0.99 3.41 5.54
CA ALA B 95 0.19 2.74 4.51
C ALA B 95 1.02 2.35 3.29
N LEU B 96 1.74 3.32 2.72
CA LEU B 96 2.30 3.14 1.38
C LEU B 96 3.27 4.23 1.00
N LEU B 97 4.39 3.82 0.41
CA LEU B 97 5.40 4.74 -0.10
C LEU B 97 5.40 4.75 -1.62
N ILE B 98 5.40 5.94 -2.22
CA ILE B 98 5.60 6.05 -3.66
C ILE B 98 6.91 6.76 -3.94
N SER B 99 7.96 5.99 -4.16
CA SER B 99 9.28 6.58 -4.35
C SER B 99 9.86 6.24 -5.70
N PRO B 100 9.45 6.99 -6.73
CA PRO B 100 9.81 6.78 -8.15
C PRO B 100 11.30 6.75 -8.38
N HIS B 101 12.04 7.52 -7.60
CA HIS B 101 13.45 7.72 -7.88
C HIS B 101 14.34 6.57 -7.42
N ARG B 102 13.71 5.59 -6.76
CA ARG B 102 14.30 4.29 -6.53
C ARG B 102 14.65 3.62 -7.86
N PHE B 103 14.08 4.15 -8.93
CA PHE B 103 14.27 3.62 -10.29
C PHE B 103 14.90 4.65 -11.22
N GLY B 104 15.39 5.75 -10.65
CA GLY B 104 15.95 6.81 -11.46
C GLY B 104 17.43 6.73 -11.80
N GLU B 105 18.14 5.70 -11.34
CA GLU B 105 19.58 5.62 -11.55
C GLU B 105 19.99 5.37 -13.01
N THR B 106 21.20 5.75 -13.37
CA THR B 106 21.67 5.64 -14.76
C THR B 106 21.92 4.19 -15.19
N LYS B 107 22.14 3.31 -14.21
CA LYS B 107 22.24 1.89 -14.48
C LYS B 107 20.89 1.36 -14.96
N GLY B 108 19.82 2.06 -14.56
CA GLY B 108 18.46 1.61 -14.81
C GLY B 108 17.89 1.91 -16.18
N ASN B 109 16.67 1.43 -16.43
CA ASN B 109 16.00 1.70 -17.69
C ASN B 109 14.65 2.41 -17.54
N SER B 110 14.39 2.91 -16.33
CA SER B 110 13.12 3.56 -16.02
C SER B 110 13.15 5.08 -16.23
N ALA B 111 11.98 5.69 -16.29
CA ALA B 111 11.94 7.11 -16.54
C ALA B 111 10.91 7.87 -15.69
N PRO B 112 11.13 7.94 -14.36
CA PRO B 112 10.26 8.68 -13.43
C PRO B 112 10.28 10.20 -13.64
N LEU B 113 9.10 10.81 -13.68
CA LEU B 113 9.00 12.26 -13.83
C LEU B 113 9.51 13.00 -12.61
N ILE B 114 10.28 14.06 -12.87
CA ILE B 114 10.66 15.02 -11.84
C ILE B 114 9.43 15.84 -11.42
N ILE B 115 9.08 15.76 -10.14
CA ILE B 115 7.87 16.38 -9.63
C ILE B 115 8.10 17.12 -8.32
N ARG B 116 7.17 18.02 -8.00
CA ARG B 116 7.00 18.50 -6.62
C ARG B 116 5.55 18.77 -6.30
N GLU B 117 5.29 19.09 -5.04
CA GLU B 117 3.94 19.39 -4.58
C GLU B 117 3.00 18.25 -5.00
N PRO B 118 3.27 17.04 -4.51
CA PRO B 118 2.35 15.95 -4.79
C PRO B 118 1.11 16.13 -3.92
N PHE B 119 -0.01 15.57 -4.30
CA PHE B 119 -1.15 15.50 -3.38
C PHE B 119 -2.05 14.40 -3.90
N ILE B 120 -2.98 13.96 -3.09
CA ILE B 120 -3.90 12.91 -3.52
C ILE B 120 -5.37 13.33 -3.38
N ALA B 121 -6.18 12.94 -4.36
CA ALA B 121 -7.62 13.09 -4.28
C ALA B 121 -8.28 11.78 -4.67
N CYS B 122 -9.32 11.40 -3.92
CA CYS B 122 -10.06 10.16 -4.21
C CYS B 122 -11.52 10.44 -4.53
N GLY B 123 -12.04 9.73 -5.53
CA GLY B 123 -13.46 9.76 -5.84
C GLY B 123 -14.12 8.50 -5.31
N PRO B 124 -15.35 8.21 -5.74
CA PRO B 124 -15.96 6.99 -5.20
C PRO B 124 -15.33 5.68 -5.69
N ASN B 125 -14.51 5.72 -6.74
CA ASN B 125 -13.97 4.48 -7.33
C ASN B 125 -12.44 4.33 -7.41
N GLU B 126 -11.74 5.43 -7.69
CA GLU B 126 -10.28 5.43 -7.63
C GLU B 126 -9.71 6.57 -6.80
N CYS B 127 -8.43 6.49 -6.53
CA CYS B 127 -7.69 7.57 -5.92
C CYS B 127 -6.62 7.98 -6.91
N LYS B 128 -6.50 9.27 -7.16
CA LYS B 128 -5.44 9.72 -8.06
C LYS B 128 -4.29 10.39 -7.30
N HIS B 129 -3.08 10.11 -7.74
CA HIS B 129 -1.90 10.77 -7.20
C HIS B 129 -1.53 11.94 -8.11
N PHE B 130 -1.53 13.15 -7.59
CA PHE B 130 -1.25 14.31 -8.44
C PHE B 130 0.11 14.90 -8.11
N ALA B 131 0.72 15.57 -9.09
CA ALA B 131 1.89 16.40 -8.81
C ALA B 131 2.10 17.45 -9.90
N LEU B 132 3.07 18.32 -9.67
CA LEU B 132 3.52 19.27 -10.66
C LEU B 132 4.87 18.80 -11.15
N THR B 133 4.91 18.34 -12.40
CA THR B 133 6.16 17.92 -12.99
C THR B 133 6.90 19.12 -13.57
N HIS B 134 8.21 18.98 -13.75
CA HIS B 134 9.00 19.99 -14.48
C HIS B 134 9.13 19.61 -15.94
N TYR B 135 8.36 18.60 -16.33
CA TYR B 135 8.35 18.07 -17.69
C TYR B 135 9.74 17.50 -18.03
N ALA B 136 10.26 16.73 -17.08
CA ALA B 136 11.56 16.08 -17.21
C ALA B 136 11.56 14.75 -16.45
N ALA B 137 12.33 13.77 -16.92
CA ALA B 137 12.53 12.52 -16.19
C ALA B 137 13.95 12.41 -15.64
N GLN B 138 14.15 11.45 -14.74
CA GLN B 138 15.47 11.13 -14.24
C GLN B 138 15.71 9.65 -14.50
N PRO B 139 16.81 9.33 -15.21
CA PRO B 139 17.83 10.26 -15.71
C PRO B 139 17.39 11.07 -16.92
N GLY B 140 18.09 12.17 -17.14
CA GLY B 140 17.86 13.03 -18.28
C GLY B 140 18.80 14.22 -18.26
N GLY B 141 18.59 15.17 -19.17
CA GLY B 141 19.44 16.33 -19.26
C GLY B 141 18.74 17.67 -19.10
N TYR B 142 17.65 17.68 -18.33
CA TYR B 142 16.86 18.90 -18.13
C TYR B 142 16.67 19.21 -16.64
N TYR B 143 17.54 18.64 -15.82
CA TYR B 143 17.57 18.87 -14.38
C TYR B 143 17.70 20.36 -14.06
N ASN B 144 18.59 21.03 -14.78
CA ASN B 144 18.82 22.44 -14.60
C ASN B 144 17.54 23.26 -14.69
N GLY B 145 17.08 23.76 -13.54
CA GLY B 145 15.80 24.45 -13.44
C GLY B 145 14.72 23.69 -12.67
N THR B 146 15.01 22.45 -12.29
CA THR B 146 14.05 21.64 -11.54
C THR B 146 13.97 22.06 -10.08
N ARG B 147 14.81 23.01 -9.68
CA ARG B 147 14.78 23.49 -8.30
C ARG B 147 14.13 24.85 -8.25
N GLY B 148 13.48 25.22 -9.35
CA GLY B 148 12.65 26.42 -9.41
C GLY B 148 11.18 26.08 -9.22
N ASP B 149 10.32 27.09 -9.32
CA ASP B 149 8.92 26.90 -9.00
C ASP B 149 8.00 27.13 -10.19
N ARG B 150 8.06 28.29 -10.82
CA ARG B 150 7.13 28.60 -11.91
C ARG B 150 7.88 28.75 -13.23
N ASN B 151 7.36 28.11 -14.29
CA ASN B 151 7.94 28.24 -15.63
C ASN B 151 6.92 27.75 -16.62
N LYS B 152 7.20 27.90 -17.91
CA LYS B 152 6.20 27.62 -18.94
C LYS B 152 6.09 26.13 -19.27
N LEU B 153 6.78 25.31 -18.50
CA LEU B 153 6.74 23.88 -18.75
C LEU B 153 6.07 23.10 -17.64
N ARG B 154 5.87 23.71 -16.47
CA ARG B 154 5.25 22.96 -15.39
C ARG B 154 3.82 22.49 -15.70
N HIS B 155 3.58 21.20 -15.47
CA HIS B 155 2.27 20.64 -15.73
C HIS B 155 1.71 19.91 -14.53
N LEU B 156 0.38 19.85 -14.47
CA LEU B 156 -0.29 19.01 -13.49
C LEU B 156 -0.43 17.61 -14.10
N ILE B 157 0.19 16.62 -13.45
CA ILE B 157 0.09 15.22 -13.91
C ILE B 157 -0.57 14.35 -12.86
N SER B 158 -1.09 13.21 -13.28
CA SER B 158 -1.60 12.23 -12.31
C SER B 158 -1.41 10.80 -12.79
N VAL B 159 -1.40 9.89 -11.83
CA VAL B 159 -1.54 8.47 -12.09
C VAL B 159 -2.48 7.93 -11.04
N LYS B 160 -3.01 6.72 -11.25
CA LYS B 160 -3.75 6.03 -10.21
C LYS B 160 -2.78 5.79 -9.05
N LEU B 161 -3.24 6.04 -7.82
CA LEU B 161 -2.42 5.84 -6.63
C LEU B 161 -1.86 4.42 -6.63
N GLY B 162 -0.59 4.29 -6.27
CA GLY B 162 0.06 2.99 -6.29
C GLY B 162 0.79 2.71 -7.59
N LYS B 163 0.59 3.56 -8.59
CA LYS B 163 1.38 3.51 -9.81
C LYS B 163 2.52 4.53 -9.71
N ILE B 164 3.68 4.15 -10.23
CA ILE B 164 4.83 5.03 -10.28
C ILE B 164 4.65 6.09 -11.36
N PRO B 165 4.75 7.37 -10.98
CA PRO B 165 4.52 8.40 -12.01
C PRO B 165 5.73 8.53 -12.95
N THR B 166 5.61 7.90 -14.11
CA THR B 166 6.67 7.89 -15.11
C THR B 166 6.18 8.56 -16.39
N VAL B 167 7.09 8.70 -17.35
CA VAL B 167 6.79 9.35 -18.61
C VAL B 167 5.62 8.68 -19.30
N GLU B 168 5.61 7.36 -19.28
CA GLU B 168 4.51 6.65 -19.91
C GLU B 168 3.27 6.54 -19.02
N ASN B 169 3.45 6.27 -17.74
CA ASN B 169 2.27 6.07 -16.88
C ASN B 169 1.45 7.33 -16.61
N SER B 170 2.11 8.47 -16.45
CA SER B 170 1.39 9.69 -16.11
C SER B 170 0.49 10.23 -17.20
N ILE B 171 -0.56 10.93 -16.78
CA ILE B 171 -1.33 11.73 -17.73
C ILE B 171 -1.11 13.20 -17.44
N PHE B 172 -1.00 13.99 -18.51
CA PHE B 172 -0.78 15.42 -18.41
C PHE B 172 -2.09 16.19 -18.56
N HIS B 173 -2.63 16.65 -17.44
CA HIS B 173 -3.91 17.38 -17.42
C HIS B 173 -3.90 18.79 -18.03
N MET B 174 -2.98 19.64 -17.58
CA MET B 174 -2.83 21.00 -18.12
C MET B 174 -1.52 21.67 -17.67
N ALA B 175 -1.08 22.67 -18.43
CA ALA B 175 0.01 23.55 -17.99
C ALA B 175 -0.40 24.23 -16.70
N ALA B 176 0.43 24.11 -15.67
CA ALA B 176 0.12 24.72 -14.39
C ALA B 176 1.32 24.59 -13.49
N TRP B 177 1.71 25.67 -12.81
CA TRP B 177 2.73 25.64 -11.75
C TRP B 177 2.13 25.72 -10.35
N SER B 178 0.82 25.64 -10.27
CA SER B 178 0.10 25.48 -9.01
C SER B 178 -1.14 24.68 -9.32
N GLY B 179 -1.58 23.83 -8.39
CA GLY B 179 -2.74 23.00 -8.68
C GLY B 179 -3.63 22.46 -7.58
N SER B 180 -4.72 21.83 -8.01
CA SER B 180 -5.64 21.14 -7.12
C SER B 180 -6.55 20.25 -7.96
N ALA B 181 -7.30 19.38 -7.30
CA ALA B 181 -8.26 18.51 -7.97
C ALA B 181 -9.19 17.93 -6.93
N CYS B 182 -10.35 17.46 -7.37
CA CYS B 182 -11.34 16.87 -6.47
C CYS B 182 -12.42 16.21 -7.30
N HIS B 183 -13.05 15.20 -6.74
CA HIS B 183 -14.14 14.49 -7.40
C HIS B 183 -15.46 14.82 -6.71
N ASP B 184 -16.51 15.10 -7.47
CA ASP B 184 -17.81 15.46 -6.88
C ASP B 184 -18.81 14.29 -6.78
N GLY B 185 -18.43 13.15 -7.35
CA GLY B 185 -19.29 11.99 -7.37
C GLY B 185 -19.66 11.58 -8.78
N LYS B 186 -19.62 12.55 -9.69
CA LYS B 186 -19.94 12.29 -11.08
C LYS B 186 -18.72 12.49 -11.95
N GLU B 187 -17.86 13.42 -11.55
CA GLU B 187 -16.77 13.83 -12.43
C GLU B 187 -15.58 14.42 -11.68
N TRP B 188 -14.41 14.36 -12.30
CA TRP B 188 -13.22 15.06 -11.84
C TRP B 188 -13.18 16.52 -12.25
N THR B 189 -12.83 17.37 -11.29
CA THR B 189 -12.49 18.75 -11.58
C THR B 189 -11.00 18.90 -11.36
N TYR B 190 -10.33 19.50 -12.33
CA TYR B 190 -8.89 19.73 -12.21
C TYR B 190 -8.61 21.22 -12.13
N ILE B 191 -7.66 21.59 -11.29
CA ILE B 191 -7.32 22.99 -11.11
C ILE B 191 -5.84 23.24 -11.36
N GLY B 192 -5.53 24.13 -12.30
CA GLY B 192 -4.16 24.49 -12.55
C GLY B 192 -3.92 25.97 -12.82
N VAL B 193 -3.02 26.57 -12.06
CA VAL B 193 -2.63 27.94 -12.27
C VAL B 193 -1.33 28.08 -13.07
N ASP B 194 -1.37 28.85 -14.16
CA ASP B 194 -0.12 29.27 -14.79
C ASP B 194 -0.16 30.74 -15.22
N GLY B 195 0.70 31.09 -16.16
CA GLY B 195 0.88 32.48 -16.56
C GLY B 195 2.01 33.19 -15.86
N PRO B 196 2.23 34.47 -16.20
CA PRO B 196 3.28 35.32 -15.63
C PRO B 196 2.95 35.73 -14.19
N ASP B 197 3.99 35.93 -13.37
CA ASP B 197 3.80 36.23 -11.95
C ASP B 197 2.87 37.41 -11.66
N ASN B 198 2.99 38.47 -12.44
CA ASN B 198 2.24 39.69 -12.18
C ASN B 198 0.80 39.56 -12.66
N ASN B 199 0.50 38.47 -13.37
CA ASN B 199 -0.84 38.31 -13.91
C ASN B 199 -1.21 36.85 -14.18
N ALA B 200 -1.15 36.01 -13.16
CA ALA B 200 -1.34 34.57 -13.38
C ALA B 200 -2.81 34.19 -13.53
N LEU B 201 -3.07 32.99 -14.04
CA LEU B 201 -4.42 32.58 -14.38
C LEU B 201 -4.75 31.19 -13.84
N LEU B 202 -5.81 31.12 -13.03
CA LEU B 202 -6.35 29.85 -12.52
C LEU B 202 -7.25 29.23 -13.60
N LYS B 203 -6.91 28.03 -14.06
CA LYS B 203 -7.75 27.35 -15.04
C LYS B 203 -8.48 26.13 -14.45
N VAL B 204 -9.69 25.85 -14.95
CA VAL B 204 -10.44 24.69 -14.47
C VAL B 204 -10.81 23.73 -15.59
N LYS B 205 -10.74 22.44 -15.28
CA LYS B 205 -11.14 21.38 -16.21
C LYS B 205 -12.18 20.48 -15.57
N TYR B 206 -13.22 20.17 -16.32
CA TYR B 206 -14.23 19.25 -15.84
C TYR B 206 -14.13 18.05 -16.77
N GLY B 207 -13.68 16.93 -16.23
CA GLY B 207 -13.23 15.83 -17.07
C GLY B 207 -12.14 16.31 -18.02
N GLU B 208 -12.39 16.15 -19.32
CA GLU B 208 -11.38 16.51 -20.31
C GLU B 208 -11.57 17.92 -20.86
N ALA B 209 -12.57 18.64 -20.35
CA ALA B 209 -12.91 19.95 -20.91
C ALA B 209 -12.56 21.17 -20.04
N TYR B 210 -11.98 22.19 -20.66
CA TYR B 210 -11.63 23.41 -19.96
C TYR B 210 -12.89 24.24 -19.89
N THR B 211 -13.26 24.64 -18.68
CA THR B 211 -14.59 25.11 -18.44
C THR B 211 -14.70 26.55 -17.88
N ASP B 212 -13.61 27.05 -17.29
CA ASP B 212 -13.64 28.39 -16.70
C ASP B 212 -12.24 28.85 -16.27
N THR B 213 -12.05 30.15 -16.12
CA THR B 213 -10.82 30.65 -15.53
C THR B 213 -11.07 31.64 -14.40
N TYR B 214 -10.01 32.01 -13.72
CA TYR B 214 -10.09 33.03 -12.69
C TYR B 214 -8.82 33.89 -12.70
N HIS B 215 -8.97 35.19 -12.53
CA HIS B 215 -7.85 36.11 -12.70
C HIS B 215 -7.18 36.52 -11.42
N SER B 216 -5.91 36.91 -11.55
CA SER B 216 -5.16 37.45 -10.45
C SER B 216 -5.91 38.67 -9.98
N TYR B 217 -6.00 38.88 -8.69
CA TYR B 217 -6.69 40.06 -8.19
C TYR B 217 -5.73 40.94 -7.38
N ALA B 218 -4.46 40.55 -7.36
CA ALA B 218 -3.47 41.29 -6.60
C ALA B 218 -2.19 41.43 -7.39
N ASN B 219 -2.14 40.79 -8.56
CA ASN B 219 -0.98 40.85 -9.45
C ASN B 219 0.32 40.41 -8.82
N LYS B 220 0.25 39.73 -7.69
CA LYS B 220 1.43 39.19 -7.06
C LYS B 220 1.30 37.67 -6.87
N ILE B 221 1.41 36.93 -7.99
CA ILE B 221 1.38 35.46 -8.02
C ILE B 221 0.09 34.82 -7.47
N LEU B 222 -0.93 34.73 -8.32
CA LEU B 222 -2.13 33.98 -7.98
C LEU B 222 -1.70 32.51 -7.85
N ARG B 223 -2.18 31.87 -6.79
CA ARG B 223 -1.80 30.50 -6.52
C ARG B 223 -2.88 29.76 -5.71
N THR B 224 -2.80 28.44 -5.67
CA THR B 224 -3.85 27.66 -5.04
C THR B 224 -3.34 26.60 -4.06
N GLN B 225 -4.22 25.67 -3.70
CA GLN B 225 -4.03 24.80 -2.54
C GLN B 225 -2.84 23.86 -2.57
N GLU B 226 -2.58 23.24 -3.72
CA GLU B 226 -1.55 22.22 -3.84
C GLU B 226 -2.06 20.97 -3.11
N SER B 227 -3.38 20.83 -3.08
CA SER B 227 -4.02 19.87 -2.20
C SER B 227 -5.38 19.56 -2.81
N ALA B 228 -6.09 18.57 -2.27
CA ALA B 228 -7.40 18.26 -2.82
C ALA B 228 -8.39 19.38 -2.50
N CYS B 229 -9.21 19.77 -3.47
CA CYS B 229 -10.34 20.61 -3.13
C CYS B 229 -11.44 19.69 -2.56
N ASN B 230 -12.57 20.27 -2.18
CA ASN B 230 -13.58 19.55 -1.43
C ASN B 230 -14.99 19.78 -1.99
N CYS B 231 -15.64 18.69 -2.39
CA CYS B 231 -16.98 18.79 -2.98
C CYS B 231 -18.10 18.31 -2.07
N ILE B 232 -19.21 19.05 -2.08
CA ILE B 232 -20.39 18.62 -1.36
C ILE B 232 -21.63 18.96 -2.17
N GLY B 233 -22.47 17.96 -2.40
CA GLY B 233 -23.66 18.10 -3.23
C GLY B 233 -23.41 18.71 -4.59
N GLY B 234 -22.26 18.38 -5.18
CA GLY B 234 -21.90 18.91 -6.48
C GLY B 234 -21.26 20.29 -6.44
N ASN B 235 -21.08 20.84 -5.24
CA ASN B 235 -20.38 22.11 -5.06
C ASN B 235 -18.95 21.88 -4.59
N CYS B 236 -17.98 22.32 -5.39
CA CYS B 236 -16.59 22.12 -4.99
C CYS B 236 -15.94 23.42 -4.52
N TYR B 237 -15.32 23.35 -3.36
CA TYR B 237 -14.78 24.54 -2.74
C TYR B 237 -13.27 24.57 -2.82
N LEU B 238 -12.74 25.73 -3.23
CA LEU B 238 -11.32 25.88 -3.46
C LEU B 238 -10.72 27.18 -2.91
N MET B 239 -9.70 27.02 -2.07
CA MET B 239 -8.90 28.17 -1.66
C MET B 239 -8.00 28.61 -2.80
N ILE B 240 -7.91 29.92 -2.98
CA ILE B 240 -6.95 30.57 -3.86
C ILE B 240 -6.35 31.77 -3.12
N THR B 241 -5.19 32.23 -3.56
CA THR B 241 -4.62 33.43 -2.96
C THR B 241 -3.68 34.19 -3.90
N ASP B 242 -3.31 35.40 -3.49
CA ASP B 242 -2.57 36.32 -4.33
C ASP B 242 -1.91 37.37 -3.43
N GLY B 243 -0.72 37.83 -3.78
CA GLY B 243 -0.04 38.79 -2.96
C GLY B 243 1.36 38.38 -2.55
N SER B 244 2.10 39.29 -1.93
CA SER B 244 3.49 39.05 -1.59
C SER B 244 3.63 37.86 -0.65
N ALA B 245 4.61 36.99 -0.95
CA ALA B 245 4.97 35.87 -0.10
C ALA B 245 5.55 36.33 1.23
N SER B 246 6.29 37.44 1.20
CA SER B 246 6.85 38.02 2.41
C SER B 246 6.05 39.22 2.91
N GLY B 247 4.80 39.33 2.47
CA GLY B 247 3.89 40.39 2.92
C GLY B 247 2.44 39.95 3.03
N VAL B 248 1.52 40.81 2.58
CA VAL B 248 0.09 40.51 2.66
C VAL B 248 -0.39 39.61 1.51
N SER B 249 -1.12 38.54 1.87
CA SER B 249 -1.69 37.61 0.89
C SER B 249 -3.10 37.17 1.25
N GLU B 250 -4.11 37.96 0.85
CA GLU B 250 -5.50 37.68 1.24
C GLU B 250 -6.13 36.61 0.38
N CYS B 251 -6.43 35.47 0.99
CA CYS B 251 -7.01 34.36 0.24
C CYS B 251 -8.51 34.55 -0.03
N ARG B 252 -8.96 33.94 -1.11
CA ARG B 252 -10.37 33.88 -1.43
C ARG B 252 -10.80 32.43 -1.61
N PHE B 253 -12.09 32.16 -1.50
CA PHE B 253 -12.57 30.82 -1.79
C PHE B 253 -13.46 30.82 -3.01
N LEU B 254 -13.29 29.83 -3.87
CA LEU B 254 -14.13 29.70 -5.06
C LEU B 254 -15.19 28.60 -4.88
N LYS B 255 -16.42 28.87 -5.31
CA LYS B 255 -17.44 27.83 -5.30
C LYS B 255 -17.65 27.37 -6.74
N ILE B 256 -17.22 26.15 -7.02
CA ILE B 256 -17.25 25.60 -8.37
C ILE B 256 -18.23 24.45 -8.51
N ARG B 257 -19.02 24.50 -9.59
CA ARG B 257 -20.04 23.50 -9.87
C ARG B 257 -19.99 23.09 -11.33
N GLU B 258 -19.79 21.80 -11.55
CA GLU B 258 -19.60 21.20 -12.87
C GLU B 258 -18.62 22.00 -13.73
N GLY B 259 -17.49 22.36 -13.14
CA GLY B 259 -16.45 23.04 -13.86
C GLY B 259 -16.54 24.56 -13.93
N ARG B 260 -17.60 25.18 -13.42
CA ARG B 260 -17.71 26.63 -13.53
C ARG B 260 -17.85 27.35 -12.21
N ILE B 261 -17.14 28.46 -12.08
CA ILE B 261 -17.19 29.27 -10.87
C ILE B 261 -18.57 29.92 -10.71
N ILE B 262 -19.24 29.65 -9.61
CA ILE B 262 -20.59 30.15 -9.40
C ILE B 262 -20.69 31.09 -8.20
N LYS B 263 -19.61 31.20 -7.43
CA LYS B 263 -19.57 32.13 -6.33
C LYS B 263 -18.14 32.31 -5.82
N GLU B 264 -17.76 33.56 -5.56
CA GLU B 264 -16.51 33.87 -4.88
C GLU B 264 -16.84 34.12 -3.43
N ILE B 265 -16.03 33.57 -2.54
CA ILE B 265 -16.25 33.76 -1.11
C ILE B 265 -15.08 34.52 -0.51
N PHE B 266 -15.38 35.66 0.08
CA PHE B 266 -14.37 36.49 0.74
C PHE B 266 -14.41 36.25 2.25
N PRO B 267 -13.34 35.66 2.79
CA PRO B 267 -13.34 35.47 4.23
C PRO B 267 -13.24 36.79 5.00
N THR B 268 -13.67 36.73 6.27
CA THR B 268 -13.52 37.81 7.23
C THR B 268 -12.61 37.33 8.36
N GLY B 269 -12.21 38.22 9.25
CA GLY B 269 -11.38 37.87 10.40
C GLY B 269 -9.91 38.23 10.23
N ARG B 270 -9.03 37.26 10.50
CA ARG B 270 -7.60 37.47 10.35
C ARG B 270 -7.21 37.09 8.93
N VAL B 271 -7.31 38.02 8.00
CA VAL B 271 -7.10 37.73 6.59
C VAL B 271 -5.71 38.08 6.04
N LYS B 272 -4.83 38.63 6.89
CA LYS B 272 -3.50 39.15 6.49
C LYS B 272 -2.67 38.26 5.52
N HIS B 273 -2.49 36.99 5.88
CA HIS B 273 -1.77 36.06 5.00
C HIS B 273 -2.25 34.62 5.14
N THR B 274 -2.87 34.11 4.08
CA THR B 274 -3.39 32.75 4.08
C THR B 274 -3.05 32.10 2.75
N GLU B 275 -2.30 31.00 2.77
CA GLU B 275 -2.02 30.27 1.53
C GLU B 275 -1.76 28.79 1.73
N GLU B 276 -1.77 28.06 0.61
CA GLU B 276 -1.51 26.61 0.60
C GLU B 276 -2.36 25.87 1.62
N CYS B 277 -3.64 26.23 1.67
CA CYS B 277 -4.60 25.67 2.62
C CYS B 277 -4.85 24.19 2.37
N THR B 278 -4.90 23.42 3.45
CA THR B 278 -5.27 22.01 3.41
C THR B 278 -6.64 21.87 4.04
N CYS B 279 -7.66 21.64 3.22
CA CYS B 279 -9.04 21.67 3.71
C CYS B 279 -9.76 20.33 3.62
N GLY B 280 -10.57 20.04 4.64
CA GLY B 280 -11.52 18.94 4.61
C GLY B 280 -12.82 19.33 5.30
N PHE B 281 -13.81 18.44 5.27
CA PHE B 281 -15.10 18.64 5.92
C PHE B 281 -15.05 18.25 7.38
N ALA B 282 -15.49 19.16 8.24
CA ALA B 282 -15.62 18.88 9.66
C ALA B 282 -17.03 18.38 9.91
N SER B 283 -17.91 18.72 8.98
CA SER B 283 -19.31 18.33 9.06
C SER B 283 -19.94 18.50 7.69
N ASN B 284 -21.19 18.10 7.59
CA ASN B 284 -21.98 18.33 6.39
C ASN B 284 -22.24 19.84 6.17
N LYS B 285 -21.89 20.67 7.16
CA LYS B 285 -22.09 22.12 7.04
C LYS B 285 -20.79 22.96 7.10
N THR B 286 -19.68 22.34 7.48
CA THR B 286 -18.44 23.13 7.62
C THR B 286 -17.20 22.52 6.99
N ILE B 287 -16.42 23.38 6.32
CA ILE B 287 -15.08 23.03 5.87
C ILE B 287 -14.06 23.75 6.72
N GLU B 288 -13.01 23.04 7.11
CA GLU B 288 -11.91 23.63 7.87
C GLU B 288 -10.64 23.44 7.06
N CYS B 289 -9.81 24.48 7.00
CA CYS B 289 -8.48 24.40 6.39
C CYS B 289 -7.40 24.86 7.37
N ALA B 290 -6.30 24.13 7.43
CA ALA B 290 -5.13 24.64 8.13
C ALA B 290 -4.18 25.16 7.05
N CYS B 291 -3.71 26.39 7.21
CA CYS B 291 -3.06 27.06 6.09
C CYS B 291 -1.64 27.49 6.42
N ARG B 292 -0.98 28.11 5.45
CA ARG B 292 0.36 28.62 5.66
C ARG B 292 0.42 30.14 5.67
N ASP B 293 1.01 30.69 6.73
CA ASP B 293 1.38 32.10 6.75
C ASP B 293 2.88 32.20 6.50
N ASN B 294 3.25 32.61 5.30
CA ASN B 294 4.66 32.68 4.94
C ASN B 294 5.35 33.94 5.44
N SER B 295 4.60 34.78 6.15
CA SER B 295 5.06 36.12 6.37
C SER B 295 5.17 36.53 7.83
N TYR B 296 4.14 36.24 8.63
CA TYR B 296 4.03 36.86 9.94
C TYR B 296 4.13 35.93 11.15
N THR B 297 3.62 34.71 11.01
CA THR B 297 3.53 33.80 12.17
C THR B 297 3.83 32.34 11.81
N ALA B 298 4.21 31.56 12.83
CA ALA B 298 4.39 30.13 12.65
C ALA B 298 3.16 29.38 13.12
N LYS B 299 2.24 30.10 13.77
CA LYS B 299 0.90 29.58 13.96
C LYS B 299 0.31 29.42 12.56
N ARG B 300 -0.52 28.41 12.38
CA ARG B 300 -1.23 28.25 11.12
C ARG B 300 -2.55 28.99 11.16
N PRO B 301 -2.79 29.86 10.18
CA PRO B 301 -4.14 30.42 10.04
C PRO B 301 -5.13 29.26 9.80
N PHE B 302 -6.33 29.40 10.36
CA PHE B 302 -7.30 28.32 10.38
C PHE B 302 -8.64 28.83 9.89
N VAL B 303 -9.02 28.42 8.68
CA VAL B 303 -10.26 28.86 8.06
C VAL B 303 -11.47 28.02 8.50
N LYS B 304 -12.62 28.66 8.61
CA LYS B 304 -13.88 27.95 8.80
C LYS B 304 -14.88 28.36 7.72
N LEU B 305 -15.19 27.46 6.80
CA LEU B 305 -16.15 27.73 5.75
C LEU B 305 -17.50 27.12 6.09
N ASN B 306 -18.54 27.94 6.01
CA ASN B 306 -19.90 27.47 6.23
C ASN B 306 -20.59 27.23 4.90
N VAL B 307 -20.80 25.97 4.57
CA VAL B 307 -21.29 25.56 3.25
C VAL B 307 -22.81 25.81 3.06
N GLU B 308 -23.54 25.87 4.16
CA GLU B 308 -24.94 26.24 4.13
C GLU B 308 -25.17 27.74 3.86
N THR B 309 -24.17 28.58 4.12
CA THR B 309 -24.36 30.02 3.98
C THR B 309 -23.32 30.69 3.08
N ASP B 310 -22.39 29.88 2.57
CA ASP B 310 -21.32 30.34 1.69
C ASP B 310 -20.48 31.50 2.24
N THR B 311 -20.10 31.39 3.51
CA THR B 311 -19.32 32.43 4.19
C THR B 311 -18.14 31.83 4.94
N ALA B 312 -17.10 32.62 5.17
CA ALA B 312 -15.86 32.09 5.75
C ALA B 312 -15.13 33.06 6.68
N GLU B 313 -14.65 32.54 7.80
CA GLU B 313 -13.84 33.31 8.73
C GLU B 313 -12.48 32.64 8.96
N ILE B 314 -11.43 33.43 9.15
CA ILE B 314 -10.11 32.91 9.43
C ILE B 314 -9.55 33.50 10.73
N ARG B 315 -9.07 32.63 11.61
CA ARG B 315 -8.35 33.05 12.82
C ARG B 315 -7.17 32.11 12.97
N LEU B 316 -6.13 32.54 13.68
CA LEU B 316 -4.95 31.71 13.85
C LEU B 316 -5.24 30.54 14.78
N MET B 317 -4.60 29.40 14.52
CA MET B 317 -4.67 28.26 15.42
C MET B 317 -4.00 28.64 16.72
N CYS B 318 -4.76 28.62 17.81
CA CYS B 318 -4.25 29.08 19.10
C CYS B 318 -3.25 28.12 19.77
N THR B 319 -3.23 26.85 19.33
CA THR B 319 -2.45 25.80 19.97
C THR B 319 -0.96 26.08 20.14
N ASP B 320 -0.43 25.71 21.30
CA ASP B 320 0.99 25.85 21.60
C ASP B 320 1.86 25.02 20.66
N THR B 321 1.26 24.03 20.03
CA THR B 321 1.98 23.17 19.13
C THR B 321 1.95 23.79 17.74
N TYR B 322 2.78 24.82 17.55
CA TYR B 322 2.89 25.53 16.28
C TYR B 322 3.25 24.59 15.13
N LEU B 323 2.48 24.66 14.05
CA LEU B 323 2.55 23.63 13.01
C LEU B 323 3.39 24.01 11.81
N ASP B 324 3.79 25.26 11.74
CA ASP B 324 4.59 25.71 10.61
C ASP B 324 6.09 25.50 10.85
N THR B 325 6.84 25.69 9.78
CA THR B 325 8.28 25.58 9.81
C THR B 325 8.72 26.75 8.94
N PRO B 326 9.63 27.60 9.43
CA PRO B 326 10.24 27.54 10.76
C PRO B 326 9.26 27.92 11.87
N ARG B 327 9.70 27.78 13.12
CA ARG B 327 8.83 27.99 14.28
C ARG B 327 9.66 28.13 15.55
N PRO B 328 9.11 28.83 16.55
CA PRO B 328 9.71 28.91 17.88
C PRO B 328 9.37 27.67 18.71
N ASN B 329 9.91 27.59 19.92
CA ASN B 329 9.59 26.53 20.86
C ASN B 329 8.11 26.53 21.18
N ASP B 330 7.54 25.35 21.39
CA ASP B 330 6.11 25.26 21.63
C ASP B 330 5.67 26.12 22.82
N GLY B 331 4.60 26.90 22.65
CA GLY B 331 4.10 27.76 23.70
C GLY B 331 4.97 28.97 24.03
N SER B 332 5.96 29.27 23.19
CA SER B 332 6.84 30.41 23.45
C SER B 332 6.29 31.74 22.94
N ILE B 333 5.26 31.69 22.11
CA ILE B 333 4.58 32.89 21.66
C ILE B 333 3.61 33.38 22.74
N THR B 334 3.98 34.48 23.39
CA THR B 334 3.18 35.02 24.49
C THR B 334 2.06 35.89 23.95
N GLY B 335 1.03 36.08 24.77
CA GLY B 335 -0.09 36.92 24.42
C GLY B 335 -1.36 36.16 24.09
N PRO B 336 -2.36 36.87 23.53
CA PRO B 336 -3.62 36.26 23.11
C PRO B 336 -3.38 35.29 21.96
N CYS B 337 -4.45 34.62 21.54
CA CYS B 337 -4.36 33.59 20.52
C CYS B 337 -3.90 34.09 19.15
N GLU B 338 -4.30 35.30 18.79
CA GLU B 338 -3.98 35.85 17.47
C GLU B 338 -2.59 36.50 17.38
N SER B 339 -1.81 36.45 18.46
CA SER B 339 -0.46 37.00 18.48
C SER B 339 0.42 36.24 17.51
N ASN B 340 1.21 36.96 16.71
CA ASN B 340 2.05 36.34 15.70
C ASN B 340 3.32 35.68 16.23
N GLY B 341 4.04 36.39 17.09
CA GLY B 341 5.29 35.89 17.62
C GLY B 341 6.44 35.99 16.63
N ASP B 342 7.51 35.28 16.92
CA ASP B 342 8.67 35.36 16.06
C ASP B 342 8.98 34.09 15.30
N LYS B 343 10.12 34.09 14.63
CA LYS B 343 10.51 33.04 13.68
C LYS B 343 9.36 32.66 12.76
N GLY B 344 8.51 33.65 12.47
CA GLY B 344 7.30 33.46 11.71
C GLY B 344 7.41 33.86 10.25
N SER B 345 8.61 34.22 9.82
CA SER B 345 8.82 34.49 8.41
C SER B 345 9.09 33.16 7.70
N GLY B 346 8.65 33.02 6.47
CA GLY B 346 8.74 31.72 5.80
C GLY B 346 7.68 30.75 6.31
N GLY B 347 7.60 29.56 5.71
CA GLY B 347 6.56 28.60 6.05
C GLY B 347 6.63 27.29 5.29
N ILE B 348 5.60 26.47 5.45
CA ILE B 348 5.53 25.16 4.78
C ILE B 348 4.09 24.66 4.75
N LYS B 349 3.68 24.03 3.66
CA LYS B 349 2.33 23.48 3.60
C LYS B 349 2.19 22.29 4.54
N GLY B 350 1.19 22.34 5.40
CA GLY B 350 1.03 21.35 6.45
C GLY B 350 -0.18 20.46 6.30
N GLY B 351 -0.05 19.23 6.78
CA GLY B 351 -1.10 18.24 6.65
C GLY B 351 -2.16 18.31 7.73
N PHE B 352 -3.40 18.03 7.33
CA PHE B 352 -4.55 18.21 8.19
C PHE B 352 -5.72 17.40 7.62
N VAL B 353 -6.31 16.55 8.44
CA VAL B 353 -7.43 15.73 7.98
C VAL B 353 -8.42 15.49 9.12
N HIS B 354 -9.68 15.32 8.78
CA HIS B 354 -10.73 15.18 9.79
C HIS B 354 -11.10 13.74 10.07
N GLN B 355 -11.25 13.43 11.35
CA GLN B 355 -11.86 12.19 11.78
C GLN B 355 -13.27 12.54 12.25
N ARG B 356 -14.27 12.33 11.39
CA ARG B 356 -15.64 12.70 11.72
C ARG B 356 -16.41 11.59 12.45
N MET B 357 -16.75 11.86 13.70
CA MET B 357 -17.47 10.88 14.49
C MET B 357 -18.85 11.36 14.88
N GLU B 358 -19.62 10.47 15.49
CA GLU B 358 -21.00 10.74 15.83
C GLU B 358 -21.13 11.94 16.77
N SER B 359 -20.41 11.91 17.88
CA SER B 359 -20.44 13.01 18.85
C SER B 359 -19.06 13.65 19.05
N LYS B 360 -18.10 13.27 18.21
CA LYS B 360 -16.75 13.77 18.32
C LYS B 360 -16.26 14.26 16.97
N ILE B 361 -15.21 15.08 17.00
CA ILE B 361 -14.53 15.49 15.78
C ILE B 361 -13.02 15.40 16.00
N GLY B 362 -12.38 14.53 15.25
CA GLY B 362 -10.95 14.33 15.38
C GLY B 362 -10.20 15.24 14.44
N ARG B 363 -9.23 15.99 14.95
CA ARG B 363 -8.39 16.81 14.08
C ARG B 363 -6.94 16.36 14.10
N TRP B 364 -6.50 15.81 12.96
CA TRP B 364 -5.16 15.25 12.80
C TRP B 364 -4.27 16.18 12.00
N TYR B 365 -3.10 16.46 12.55
CA TYR B 365 -2.18 17.41 11.93
C TYR B 365 -0.79 16.84 11.80
N SER B 366 0.00 17.41 10.90
CA SER B 366 1.40 17.03 10.74
C SER B 366 2.29 18.25 10.65
N ARG B 367 3.51 18.13 11.21
CA ARG B 367 4.50 19.20 11.17
C ARG B 367 5.90 18.61 11.20
N THR B 368 6.86 19.39 10.73
CA THR B 368 8.26 18.98 10.65
C THR B 368 8.85 18.61 12.01
N MET B 369 9.73 17.62 12.04
CA MET B 369 10.42 17.30 13.28
C MET B 369 11.38 18.41 13.71
N SER B 370 12.16 18.91 12.75
CA SER B 370 12.99 20.09 12.94
C SER B 370 12.15 21.35 13.10
N LYS B 371 12.58 22.26 13.96
CA LYS B 371 11.88 23.53 14.08
C LYS B 371 12.32 24.50 13.01
N THR B 372 13.32 24.12 12.20
CA THR B 372 13.97 25.07 11.28
C THR B 372 14.07 24.60 9.84
N GLU B 373 14.37 23.31 9.66
CA GLU B 373 14.61 22.76 8.33
C GLU B 373 13.49 21.80 7.99
N ARG B 374 13.44 21.36 6.75
CA ARG B 374 12.41 20.41 6.31
C ARG B 374 12.88 18.95 6.48
N MET B 375 12.91 18.51 7.73
CA MET B 375 13.41 17.20 8.05
C MET B 375 12.47 16.51 9.02
N GLY B 376 12.16 15.25 8.75
CA GLY B 376 11.24 14.52 9.58
C GLY B 376 9.81 15.01 9.43
N MET B 377 8.89 14.27 10.02
CA MET B 377 7.50 14.66 9.99
C MET B 377 6.80 13.97 11.15
N GLY B 378 6.01 14.73 11.91
CA GLY B 378 5.36 14.19 13.10
C GLY B 378 3.86 14.22 12.93
N LEU B 379 3.18 13.38 13.69
CA LEU B 379 1.72 13.27 13.65
C LEU B 379 1.15 13.75 14.97
N TYR B 380 0.13 14.59 14.89
CA TYR B 380 -0.46 15.14 16.08
C TYR B 380 -1.96 15.00 15.97
N VAL B 381 -2.64 14.99 17.10
CA VAL B 381 -4.09 14.83 17.10
C VAL B 381 -4.75 15.55 18.27
N LYS B 382 -5.90 16.17 18.02
CA LYS B 382 -6.72 16.72 19.10
C LYS B 382 -8.20 16.52 18.84
N TYR B 383 -8.90 15.93 19.80
CA TYR B 383 -10.32 15.73 19.67
C TYR B 383 -11.07 16.93 20.23
N ASP B 384 -12.00 17.46 19.43
CA ASP B 384 -12.95 18.48 19.87
C ASP B 384 -12.32 19.84 20.20
N GLY B 385 -13.13 20.71 20.78
CA GLY B 385 -12.71 22.05 21.15
C GLY B 385 -12.78 23.03 20.00
N ASP B 386 -12.28 24.23 20.26
CA ASP B 386 -12.18 25.25 19.23
C ASP B 386 -10.72 25.57 18.95
N PRO B 387 -10.23 25.17 17.78
CA PRO B 387 -8.86 25.46 17.36
C PRO B 387 -8.53 26.96 17.36
N TRP B 388 -9.54 27.83 17.41
CA TRP B 388 -9.27 29.27 17.45
C TRP B 388 -8.95 29.77 18.85
N ALA B 389 -9.51 29.11 19.86
CA ALA B 389 -9.43 29.56 21.23
C ALA B 389 -8.59 28.67 22.14
N ASP B 390 -8.46 27.39 21.80
CA ASP B 390 -7.76 26.46 22.68
C ASP B 390 -6.25 26.58 22.52
N SER B 391 -5.53 26.73 23.63
CA SER B 391 -4.08 26.89 23.58
C SER B 391 -3.39 25.58 23.91
N ASP B 392 -4.16 24.59 24.36
CA ASP B 392 -3.62 23.27 24.69
C ASP B 392 -2.74 22.69 23.59
N ALA B 393 -1.65 22.06 24.01
CA ALA B 393 -0.78 21.35 23.08
C ALA B 393 -1.59 20.26 22.39
N LEU B 394 -1.23 19.96 21.15
CA LEU B 394 -1.80 18.81 20.46
C LEU B 394 -1.16 17.55 21.05
N ALA B 395 -1.87 16.42 20.99
CA ALA B 395 -1.32 15.16 21.47
C ALA B 395 -0.39 14.63 20.41
N PHE B 396 0.80 14.20 20.82
CA PHE B 396 1.76 13.68 19.86
C PHE B 396 1.47 12.21 19.55
N SER B 397 1.27 11.89 18.28
CA SER B 397 0.88 10.53 17.89
C SER B 397 2.03 9.62 17.45
N GLY B 398 3.09 10.21 16.87
CA GLY B 398 4.23 9.42 16.45
C GLY B 398 5.07 10.00 15.32
N VAL B 399 6.21 9.38 15.09
CA VAL B 399 7.14 9.87 14.07
C VAL B 399 6.91 9.16 12.74
N MET B 400 6.46 9.92 11.74
CA MET B 400 6.21 9.35 10.42
C MET B 400 7.48 9.35 9.58
N VAL B 401 8.21 10.45 9.65
CA VAL B 401 9.50 10.55 8.99
C VAL B 401 10.52 10.95 10.05
N SER B 402 11.64 10.26 10.07
CA SER B 402 12.70 10.57 11.02
C SER B 402 13.36 11.90 10.66
N MET B 403 13.99 12.54 11.64
CA MET B 403 14.67 13.81 11.38
C MET B 403 15.88 13.66 10.44
N LYS B 404 16.33 12.43 10.22
CA LYS B 404 17.42 12.20 9.28
C LYS B 404 16.92 12.07 7.84
N GLU B 405 15.61 12.23 7.61
CA GLU B 405 15.04 12.19 6.26
C GLU B 405 14.25 13.48 5.98
N PRO B 406 14.17 13.87 4.71
CA PRO B 406 13.40 15.07 4.31
C PRO B 406 11.90 15.01 4.62
N GLY B 407 11.41 16.10 5.20
CA GLY B 407 9.99 16.25 5.48
C GLY B 407 9.51 17.59 4.94
N TRP B 408 8.91 17.59 3.76
CA TRP B 408 8.51 18.85 3.15
C TRP B 408 6.98 19.03 3.22
N TYR B 409 6.32 19.25 2.09
CA TYR B 409 4.87 19.44 2.15
C TYR B 409 4.14 18.19 2.65
N SER B 410 3.01 18.41 3.31
CA SER B 410 2.14 17.30 3.68
C SER B 410 0.71 17.76 3.48
N PHE B 411 -0.21 16.81 3.41
CA PHE B 411 -1.56 17.13 3.00
C PHE B 411 -2.48 16.10 3.55
N GLY B 412 -3.76 16.41 3.53
CA GLY B 412 -4.78 15.47 3.95
C GLY B 412 -5.57 15.02 2.73
N PHE B 413 -6.09 13.81 2.81
CA PHE B 413 -7.05 13.30 1.85
C PHE B 413 -7.83 12.18 2.52
N GLU B 414 -9.00 11.86 1.98
CA GLU B 414 -9.78 10.74 2.51
C GLU B 414 -10.07 9.72 1.41
N ILE B 415 -9.96 8.45 1.74
CA ILE B 415 -10.40 7.40 0.84
C ILE B 415 -11.83 7.03 1.19
N LYS B 416 -12.67 6.86 0.17
CA LYS B 416 -14.05 6.41 0.37
C LYS B 416 -14.08 4.88 0.47
N ASP B 417 -14.36 4.38 1.67
CA ASP B 417 -14.66 2.97 1.88
C ASP B 417 -16.10 2.74 1.39
N LYS B 418 -16.69 1.59 1.74
CA LYS B 418 -18.00 1.28 1.19
C LYS B 418 -19.09 2.10 1.86
N LYS B 419 -19.11 2.05 3.19
CA LYS B 419 -20.08 2.79 4.00
C LYS B 419 -19.51 4.04 4.72
N CYS B 420 -18.18 4.21 4.75
CA CYS B 420 -17.60 5.26 5.55
C CYS B 420 -16.33 5.88 4.92
N ASP B 421 -15.80 6.95 5.51
CA ASP B 421 -14.64 7.63 4.93
C ASP B 421 -13.35 7.38 5.73
N VAL B 422 -12.23 7.13 5.04
CA VAL B 422 -10.96 6.91 5.72
C VAL B 422 -9.99 8.07 5.58
N PRO B 423 -9.66 8.71 6.70
CA PRO B 423 -8.77 9.86 6.68
C PRO B 423 -7.32 9.44 6.63
N CYS B 424 -6.52 10.19 5.89
CA CYS B 424 -5.14 9.86 5.63
C CYS B 424 -4.36 11.14 5.50
N ILE B 425 -3.05 11.06 5.74
CA ILE B 425 -2.14 12.18 5.50
C ILE B 425 -0.98 11.73 4.61
N GLY B 426 -0.69 12.51 3.58
CA GLY B 426 0.44 12.25 2.69
C GLY B 426 1.62 13.17 3.00
N ILE B 427 2.82 12.71 2.67
CA ILE B 427 4.03 13.47 2.97
C ILE B 427 4.96 13.59 1.78
N GLU B 428 5.20 14.81 1.34
CA GLU B 428 6.19 15.05 0.29
C GLU B 428 7.62 14.97 0.84
N MET B 429 8.41 14.05 0.31
CA MET B 429 9.79 13.89 0.75
C MET B 429 10.80 14.27 -0.33
N VAL B 430 11.28 15.50 -0.27
CA VAL B 430 12.09 16.00 -1.37
C VAL B 430 13.52 15.51 -1.32
N HIS B 431 14.01 15.08 -2.47
CA HIS B 431 15.42 14.78 -2.65
C HIS B 431 16.11 16.06 -3.08
N ASP B 432 16.79 16.70 -2.14
CA ASP B 432 17.40 17.99 -2.42
C ASP B 432 18.91 17.87 -2.39
N GLY B 433 19.52 17.93 -3.57
CA GLY B 433 20.96 17.91 -3.67
C GLY B 433 21.53 19.29 -4.01
N GLY B 434 20.71 20.32 -3.81
CA GLY B 434 21.09 21.66 -4.20
C GLY B 434 20.67 21.91 -5.63
N LYS B 435 21.15 23.01 -6.19
CA LYS B 435 20.76 23.46 -7.53
C LYS B 435 21.66 22.90 -8.62
N GLU B 436 22.63 22.09 -8.23
CA GLU B 436 23.57 21.52 -9.20
C GLU B 436 23.24 20.06 -9.57
N THR B 437 22.03 19.63 -9.23
CA THR B 437 21.54 18.30 -9.56
C THR B 437 20.02 18.36 -9.69
N TRP B 438 19.39 17.23 -10.01
CA TRP B 438 17.94 17.17 -10.12
C TRP B 438 17.29 17.36 -8.74
N HIS B 439 16.00 17.65 -8.75
CA HIS B 439 15.28 18.04 -7.53
C HIS B 439 13.87 17.51 -7.64
N SER B 440 13.53 16.51 -6.82
CA SER B 440 12.24 15.87 -6.92
C SER B 440 11.77 15.27 -5.59
N ALA B 441 10.71 14.46 -5.65
CA ALA B 441 10.08 13.99 -4.41
C ALA B 441 9.40 12.65 -4.49
N ALA B 442 9.34 12.00 -3.33
CA ALA B 442 8.55 10.80 -3.12
C ALA B 442 7.40 11.15 -2.18
N THR B 443 6.41 10.25 -2.12
CA THR B 443 5.24 10.51 -1.30
C THR B 443 4.97 9.38 -0.29
N ALA B 444 5.01 9.72 0.99
CA ALA B 444 4.69 8.76 2.04
C ALA B 444 3.23 8.93 2.41
N ILE B 445 2.51 7.82 2.59
CA ILE B 445 1.13 7.90 3.02
C ILE B 445 0.91 7.25 4.37
N TYR B 446 0.24 7.96 5.25
CA TYR B 446 -0.25 7.42 6.51
C TYR B 446 -1.76 7.52 6.54
N CYS B 447 -2.41 6.59 7.22
CA CYS B 447 -3.85 6.53 7.22
C CYS B 447 -4.37 6.08 8.58
N LEU B 448 -5.54 6.54 8.93
CA LEU B 448 -6.20 6.04 10.12
C LEU B 448 -6.53 4.53 9.96
N MET B 449 -5.92 3.69 10.78
CA MET B 449 -6.26 2.27 10.75
C MET B 449 -6.00 1.58 12.09
N GLY B 450 -7.04 0.94 12.63
CA GLY B 450 -6.92 0.19 13.86
C GLY B 450 -6.65 1.01 15.10
N SER B 451 -6.29 0.31 16.17
CA SER B 451 -6.05 0.90 17.49
C SER B 451 -4.57 0.90 17.83
N GLY B 452 -4.20 1.60 18.89
CA GLY B 452 -2.82 1.60 19.35
C GLY B 452 -2.02 2.86 19.01
N GLN B 453 -0.71 2.69 18.89
CA GLN B 453 0.16 3.79 18.56
C GLN B 453 0.78 3.55 17.19
N LEU B 454 1.09 4.64 16.48
CA LEU B 454 1.73 4.59 15.17
C LEU B 454 3.09 3.91 15.25
N LEU B 455 3.32 2.90 14.42
CA LEU B 455 4.41 1.96 14.68
C LEU B 455 5.70 2.16 13.89
N TRP B 456 5.62 2.68 12.68
CA TRP B 456 6.83 2.72 11.85
C TRP B 456 6.98 3.98 11.01
N ASP B 457 8.23 4.46 10.93
CA ASP B 457 8.58 5.62 10.08
C ASP B 457 8.83 5.23 8.63
N THR B 458 9.08 6.24 7.82
CA THR B 458 9.27 6.05 6.40
C THR B 458 10.58 6.65 5.91
N VAL B 459 11.19 6.00 4.91
CA VAL B 459 12.40 6.49 4.29
C VAL B 459 12.20 6.42 2.77
N THR B 460 12.86 7.31 2.04
CA THR B 460 12.74 7.28 0.58
C THR B 460 13.60 6.19 0.01
N GLY B 461 14.71 5.89 0.69
CA GLY B 461 15.63 4.85 0.25
C GLY B 461 16.42 5.24 -0.98
N VAL B 462 16.42 6.55 -1.30
CA VAL B 462 17.10 7.09 -2.48
C VAL B 462 18.47 7.70 -2.17
N ASP B 463 19.46 7.31 -2.96
CA ASP B 463 20.79 7.91 -2.92
C ASP B 463 20.93 8.74 -4.20
N MET B 464 20.85 10.06 -4.06
CA MET B 464 20.88 10.97 -5.20
C MET B 464 22.15 10.90 -6.08
N ALA B 465 23.20 10.26 -5.57
CA ALA B 465 24.44 10.07 -6.32
C ALA B 465 24.33 9.05 -7.47
N LEU B 466 23.34 8.16 -7.40
CA LEU B 466 23.14 7.15 -8.44
C LEU B 466 22.35 7.68 -9.65
C1 NAG C . -21.12 -24.16 -1.93
C2 NAG C . -21.37 -25.12 -3.10
C3 NAG C . -21.84 -24.34 -4.32
C4 NAG C . -23.05 -23.49 -3.97
C5 NAG C . -22.81 -22.64 -2.71
C6 NAG C . -24.07 -21.98 -2.20
C7 NAG C . -20.19 -27.24 -3.33
C8 NAG C . -21.48 -27.91 -2.96
N2 NAG C . -20.18 -25.91 -3.39
O3 NAG C . -22.15 -25.25 -5.37
O4 NAG C . -23.34 -22.61 -5.05
O5 NAG C . -22.32 -23.46 -1.63
O6 NAG C . -25.08 -22.93 -1.91
O7 NAG C . -19.18 -27.89 -3.57
C1 NAG C . -24.59 -22.97 -5.68
C2 NAG C . -25.09 -21.77 -6.48
C3 NAG C . -26.44 -22.10 -7.10
C4 NAG C . -26.34 -23.38 -7.93
C5 NAG C . -25.75 -24.51 -7.09
C6 NAG C . -25.49 -25.76 -7.88
C7 NAG C . -24.17 -19.73 -5.47
C8 NAG C . -24.46 -18.55 -4.58
N2 NAG C . -25.18 -20.59 -5.64
O3 NAG C . -26.83 -21.02 -7.94
O4 NAG C . -27.66 -23.72 -8.36
O5 NAG C . -24.50 -24.11 -6.53
O6 NAG C . -24.95 -26.77 -7.04
O7 NAG C . -23.09 -19.90 -6.00
C1 BMA C . -27.81 -23.65 -9.80
C2 BMA C . -28.79 -24.78 -10.16
C3 BMA C . -29.46 -24.62 -11.54
C4 BMA C . -29.54 -23.16 -12.07
C5 BMA C . -28.30 -22.38 -11.73
C6 BMA C . -28.36 -20.96 -12.27
O2 BMA C . -29.86 -24.80 -9.22
O3 BMA C . -30.76 -25.17 -11.49
O4 BMA C . -29.71 -23.17 -13.48
O5 BMA C . -28.19 -22.38 -10.31
O6 BMA C . -27.07 -20.34 -12.18
C1 MAN C . -30.85 -26.31 -12.36
C2 MAN C . -32.35 -26.62 -12.62
C3 MAN C . -33.04 -27.17 -11.35
C4 MAN C . -32.05 -27.94 -10.40
C5 MAN C . -30.76 -28.48 -11.13
C6 MAN C . -30.98 -29.74 -11.99
O2 MAN C . -32.55 -27.58 -13.66
O3 MAN C . -34.18 -27.98 -11.67
O4 MAN C . -31.68 -27.11 -9.32
O5 MAN C . -30.09 -27.43 -11.94
O6 MAN C . -29.74 -30.15 -12.54
C1 MAN C . -27.17 -19.19 -11.31
C2 MAN C . -25.99 -19.08 -10.27
C3 MAN C . -26.35 -18.07 -9.12
C4 MAN C . -27.55 -17.11 -9.47
C5 MAN C . -28.82 -17.88 -10.00
C6 MAN C . -29.70 -17.03 -10.95
O2 MAN C . -24.71 -18.66 -10.84
O3 MAN C . -25.22 -17.30 -8.67
O4 MAN C . -27.91 -16.37 -8.31
O5 MAN C . -28.46 -19.11 -10.70
O6 MAN C . -30.47 -17.92 -11.77
C1 NAG D . -24.49 14.45 5.35
C2 NAG D . -24.17 13.26 6.23
C3 NAG D . -24.31 11.96 5.41
C4 NAG D . -25.63 11.95 4.63
C5 NAG D . -25.76 13.20 3.77
C6 NAG D . -26.98 14.03 4.07
C7 NAG D . -22.57 13.27 8.08
C8 NAG D . -23.73 12.92 8.97
N2 NAG D . -22.85 13.39 6.78
O3 NAG D . -24.21 10.85 6.30
O4 NAG D . -25.66 10.84 3.74
O5 NAG D . -24.62 14.06 4.01
O6 NAG D . -28.18 13.30 3.89
O7 NAG D . -21.44 13.40 8.53
C1 NAG D . -26.87 10.04 3.78
C2 NAG D . -26.96 9.10 2.58
C3 NAG D . -28.29 8.36 2.61
C4 NAG D . -28.49 7.63 3.93
C5 NAG D . -28.17 8.53 5.14
C6 NAG D . -27.99 7.76 6.43
C7 NAG D . -25.60 9.98 0.72
C8 NAG D . -25.61 10.72 -0.58
N2 NAG D . -26.78 9.82 1.32
O3 NAG D . -28.36 7.43 1.54
O4 NAG D . -29.85 7.23 4.04
O5 NAG D . -26.94 9.27 4.96
O6 NAG D . -26.69 7.94 6.96
O7 NAG D . -24.55 9.56 1.21
C1 BMA D . -30.20 5.82 4.19
C2 BMA D . -29.80 4.85 3.02
C3 BMA D . -30.36 3.46 3.29
C4 BMA D . -30.18 2.99 4.79
C5 BMA D . -30.66 4.07 5.76
C6 BMA D . -30.45 3.67 7.24
O2 BMA D . -28.39 4.68 2.86
O3 BMA D . -29.78 2.52 2.41
O4 BMA D . -30.88 1.79 5.07
O5 BMA D . -29.91 5.27 5.48
O6 BMA D . -31.32 4.47 8.04
CA CA E . 11.32 -28.44 9.18
C1 NAG F . -30.75 -26.20 -15.92
C2 NAG F . -31.19 -27.34 -16.83
C3 NAG F . -31.93 -26.80 -18.04
C4 NAG F . -33.12 -25.99 -17.59
C5 NAG F . -32.66 -24.84 -16.68
C6 NAG F . -33.34 -24.85 -15.33
C7 NAG F . -29.68 -29.27 -16.62
C8 NAG F . -28.49 -29.99 -17.18
N2 NAG F . -30.05 -28.15 -17.25
O3 NAG F . -32.33 -27.87 -18.89
O4 NAG F . -33.82 -25.46 -18.70
O5 NAG F . -31.25 -24.92 -16.45
O6 NAG F . -33.63 -23.54 -14.88
O7 NAG F . -30.28 -29.68 -15.62
C1 NAG G . 25.51 -3.09 2.20
C2 NAG G . 26.99 -2.79 1.83
C3 NAG G . 27.85 -2.74 3.09
C4 NAG G . 27.28 -1.76 4.10
C5 NAG G . 25.83 -2.14 4.43
C6 NAG G . 25.17 -1.18 5.39
C7 NAG G . 28.12 -3.44 -0.25
C8 NAG G . 28.58 -4.59 -1.10
N2 NAG G . 27.50 -3.77 0.89
O3 NAG G . 29.19 -2.36 2.76
O4 NAG G . 28.06 -1.74 5.30
O5 NAG G . 25.05 -2.15 3.22
O6 NAG G . 23.76 -1.28 5.32
O7 NAG G . 28.31 -2.27 -0.58
C1 G39 H . 12.72 -18.35 3.99
O1A G39 H . 13.24 -18.13 2.85
O1B G39 H . 12.93 -19.42 4.64
C2 G39 H . 11.80 -17.33 4.60
C3 G39 H . 11.82 -16.00 3.88
C4 G39 H . 10.64 -15.23 4.41
C5 G39 H . 10.80 -14.97 5.86
N5 G39 H . 9.64 -14.24 6.35
C10 G39 H . 9.76 -12.98 7.11
O10 G39 H . 10.88 -12.48 7.34
C11 G39 H . 8.52 -12.30 7.61
C6 G39 H . 10.93 -16.30 6.63
C7 G39 H . 12.01 -17.18 6.08
O7 G39 H . 11.19 -16.10 7.99
C8 G39 H . 10.43 -16.76 9.02
C9 G39 H . 10.79 -18.24 9.19
C81 G39 H . 10.46 -15.97 10.36
C82 G39 H . 10.83 -14.50 10.34
C91 G39 H . 12.21 -18.59 9.22
N4 G39 H . 10.42 -14.01 3.66
C1 EDO I . 16.28 -10.01 -23.77
O1 EDO I . 15.50 -10.62 -22.75
C2 EDO I . 17.15 -11.06 -24.45
O2 EDO I . 17.31 -10.82 -25.85
C1 EDO J . -11.68 -8.12 17.83
O1 EDO J . -11.26 -9.29 17.11
C2 EDO J . -13.10 -8.36 18.32
O2 EDO J . -13.86 -8.95 17.25
C1 EDO K . 4.55 -35.07 6.37
O1 EDO K . 3.74 -36.23 6.50
C2 EDO K . 4.12 -34.24 5.16
O2 EDO K . 4.69 -32.94 5.19
C1 EDO L . 3.48 -30.03 -19.81
O1 EDO L . 3.35 -30.30 -18.40
C2 EDO L . 2.44 -29.02 -20.26
O2 EDO L . 2.47 -28.89 -21.69
C1 EDO M . 20.35 0.49 -24.50
O1 EDO M . 20.49 -0.10 -23.21
C2 EDO M . 20.25 2.01 -24.36
O2 EDO M . 19.04 2.40 -23.68
CA CA N . 5.36 31.29 8.93
C1 NAG O . 20.62 26.39 -16.58
C2 NAG O . 20.12 27.77 -17.13
C3 NAG O . 21.23 28.87 -17.17
C4 NAG O . 22.63 28.46 -16.71
C5 NAG O . 22.75 26.96 -16.59
C6 NAG O . 24.01 26.47 -15.93
C7 NAG O . 18.31 27.06 -18.65
C8 NAG O . 17.86 26.99 -20.09
N2 NAG O . 19.51 27.61 -18.45
O3 NAG O . 20.80 30.00 -16.40
O4 NAG O . 23.61 28.97 -17.61
O5 NAG O . 21.67 26.55 -15.79
O6 NAG O . 24.27 25.12 -16.30
O7 NAG O . 17.60 26.65 -17.73
C1 G39 P . 8.06 26.03 -1.04
O1A G39 P . 8.64 24.87 -1.11
O1B G39 P . 7.91 26.58 0.08
C2 G39 P . 7.57 26.74 -2.29
C3 G39 P . 6.93 25.75 -3.26
C4 G39 P . 5.72 26.26 -4.02
C5 G39 P . 5.64 27.75 -4.13
N5 G39 P . 4.42 28.16 -4.79
C10 G39 P . 4.43 28.81 -6.11
O10 G39 P . 5.50 29.04 -6.70
C11 G39 P . 3.13 29.21 -6.75
C6 G39 P . 5.65 28.42 -2.76
C7 G39 P . 6.71 27.90 -1.82
O7 G39 P . 5.83 29.79 -2.96
C8 G39 P . 4.95 30.73 -2.30
C9 G39 P . 5.48 31.11 -0.93
C81 G39 P . 4.63 31.99 -3.14
C82 G39 P . 4.66 31.91 -4.66
C91 G39 P . 6.91 31.45 -0.88
N4 G39 P . 5.67 25.65 -5.36
C1 EDO Q . -18.34 20.53 -9.07
O1 EDO Q . -19.17 19.83 -10.01
C2 EDO Q . -16.94 20.91 -9.62
O2 EDO Q . -16.98 21.75 -10.78
C1 EDO R . -12.13 4.09 -3.88
O1 EDO R . -12.32 3.47 -2.61
C2 EDO R . -11.29 5.34 -3.71
O2 EDO R . -11.76 6.13 -2.61
C1 EDO S . 12.19 24.11 -3.62
O1 EDO S . 12.34 23.13 -4.65
C2 EDO S . 11.19 25.16 -4.08
O2 EDO S . 11.40 25.34 -5.49
#